data_8VD2
#
_entry.id   8VD2
#
_cell.length_a   75.121
_cell.length_b   109.463
_cell.length_c   109.994
_cell.angle_alpha   90.000
_cell.angle_beta   90.000
_cell.angle_gamma   90.000
#
_symmetry.space_group_name_H-M   'P 21 21 21'
#
loop_
_entity.id
_entity.type
_entity.pdbx_description
1 polymer 'MHC class II HLA-DQ-alpha chain'
2 polymer 'MHC class II HLA-DQ-beta-1'
3 polymer 'Hybrid insulin peptide (HIP; InsC8-15-IAPP23-29 )'
4 polymer 'T-CELL-RECEPTOR, TCR ET650-4 alpha'
5 polymer 'T-CELL-RECEPTOR, TCR ET650-4 beta'
6 non-polymer 2-acetamido-2-deoxy-beta-D-glucopyranose
7 water water
#
loop_
_entity_poly.entity_id
_entity_poly.type
_entity_poly.pdbx_seq_one_letter_code
_entity_poly.pdbx_strand_id
1 'polypeptide(L)'
;EDIVADHVASYGVNLYQSYGPSGQYSHEFDGDEEFYVDLERKETVWQLPLFRRFRRFDPQFALTNIAVLKHNLNCVIKRS
NSTAATNEVPEVTVFSKSPVTLGQPNTLICLVDNIFPPVVNITWLSNGHSVTEGVSETSFLSKSDHSFFKISYLTFLPSA
DEIYDCKVEHWGLDEPLLKHWEPEI
;
A
2 'polypeptide(L)'
;RDSPEDFVYQFKGMCYFTNGTERVRLVTRYIYNREEYARFDSDVGVYRAVTPLGPPAAEYWNSQKEVLERTRAELDTVCR
HNYQLELRTTLQRRVEPTVTISPSRTEALNHHNLLVCSVTDFYPAQIKVRWFRNDQEETTGVVSTPLIRNGDWTFQILVM
LEMTPQRGDVYTCHVEHPSLQNPIIVEWRAQS
;
B
3 'polypeptide(L)' GQVELGGGTPIESCQ C
4 'polypeptide(L)'
;MKTTQPPSMDCAEGRAANLPCNHSTISGNEYVYWYRQIHSQGPQYIIHGLKNNETNEMASLIITEDRKSSTLILPHATLR
DTAVYYCIVRVAIEGSQGNLIFGKGTKLSVKPNIQNPDPAVYQLRDSKSSDKSVCLFTDFDSQTNVSQSKDSDVYITDKC
VLDMRSMDFKSNSAVAWSNKSDFACANAFNNSIIPEDTFFPSPESS
;
D
5 'polypeptide(L)'
;GVTQTPRYLIKTRGQQVTLSCSPISGHRSVSWYQQTPGQGLQFLFEYFSETQRNKGNFPGRFSGRQFSNSRSEMNVSTLE
LGDSALYLCASSLRRGDTIYFGEGSWLTVVEDLNKVFPPEVAVFEPSEAEISHTQKATLVCLATGFFPDHVELSWWVNGK
EVHSGVCTDPQPLKEQPALNDSRYALSSRLRVSATFWQNPRNHFRCQVQFYGLSENDEWTQDRAKPVTQIVSAEAWGRAD
;
E
#
loop_
_chem_comp.id
_chem_comp.type
_chem_comp.name
_chem_comp.formula
NAG D-saccharide, beta linking 2-acetamido-2-deoxy-beta-D-glucopyranose 'C8 H15 N O6'
#
# COMPACT_ATOMS: atom_id res chain seq x y z
N ILE A 3 -18.46 24.40 14.22
CA ILE A 3 -18.94 23.41 13.27
C ILE A 3 -20.20 22.75 13.81
N VAL A 4 -21.18 22.54 12.92
CA VAL A 4 -22.45 21.92 13.26
C VAL A 4 -22.62 20.67 12.42
N ALA A 5 -23.13 19.61 13.05
CA ALA A 5 -23.32 18.33 12.36
C ALA A 5 -24.25 17.47 13.18
N ASP A 6 -24.92 16.52 12.48
CA ASP A 6 -25.75 15.55 13.16
C ASP A 6 -24.91 14.46 13.83
N HIS A 7 -23.84 14.02 13.16
CA HIS A 7 -22.95 13.02 13.70
C HIS A 7 -21.52 13.43 13.42
N VAL A 8 -20.67 13.36 14.44
CA VAL A 8 -19.25 13.66 14.32
C VAL A 8 -18.46 12.37 14.53
N ALA A 9 -17.53 12.11 13.62
CA ALA A 9 -16.71 10.91 13.66
C ALA A 9 -15.25 11.30 13.69
N SER A 10 -14.48 10.70 14.60
CA SER A 10 -13.04 10.93 14.71
C SER A 10 -12.34 9.68 14.18
N TYR A 11 -12.29 9.57 12.86
CA TYR A 11 -11.62 8.44 12.20
C TYR A 11 -10.12 8.71 12.18
N GLY A 12 -9.52 8.64 13.37
CA GLY A 12 -8.11 8.89 13.52
C GLY A 12 -7.80 9.84 14.66
N VAL A 13 -7.88 9.34 15.89
CA VAL A 13 -7.41 10.07 17.06
C VAL A 13 -6.00 9.58 17.31
N ASN A 14 -5.04 10.22 16.66
CA ASN A 14 -3.64 9.83 16.77
C ASN A 14 -2.96 10.64 17.86
N LEU A 15 -2.32 9.94 18.80
CA LEU A 15 -1.68 10.56 19.95
C LEU A 15 -0.28 10.00 20.11
N TYR A 16 0.69 10.89 20.36
CA TYR A 16 2.06 10.48 20.63
C TYR A 16 2.70 11.54 21.52
N GLN A 17 3.27 11.11 22.64
CA GLN A 17 3.89 12.00 23.59
C GLN A 17 5.31 11.53 23.90
N SER A 18 6.17 12.49 24.24
CA SER A 18 7.57 12.17 24.48
C SER A 18 7.76 11.37 25.76
N TYR A 19 6.91 11.59 26.76
CA TYR A 19 7.02 10.86 28.02
C TYR A 19 6.68 9.39 27.81
N GLY A 20 7.67 8.51 27.99
CA GLY A 20 7.48 7.10 27.76
C GLY A 20 8.59 6.51 26.91
N PRO A 21 8.50 6.71 25.59
CA PRO A 21 7.40 7.40 24.91
C PRO A 21 6.21 6.49 24.67
N SER A 22 5.00 7.05 24.74
CA SER A 22 3.78 6.30 24.55
C SER A 22 2.97 6.89 23.40
N GLY A 23 2.08 6.06 22.84
CA GLY A 23 1.23 6.49 21.74
C GLY A 23 -0.15 5.88 21.86
N GLN A 24 -1.06 6.36 21.02
CA GLN A 24 -2.42 5.86 21.01
C GLN A 24 -3.06 6.15 19.66
N TYR A 25 -3.71 5.13 19.10
CA TYR A 25 -4.53 5.28 17.91
C TYR A 25 -5.91 4.72 18.21
N SER A 26 -6.95 5.49 17.90
CA SER A 26 -8.31 5.06 18.19
C SER A 26 -9.27 5.80 17.28
N HIS A 27 -10.42 5.16 17.02
CA HIS A 27 -11.51 5.78 16.30
C HIS A 27 -12.67 6.04 17.24
N GLU A 28 -13.31 7.19 17.07
CA GLU A 28 -14.43 7.59 17.90
C GLU A 28 -15.60 8.02 17.02
N PHE A 29 -16.81 7.75 17.49
CA PHE A 29 -18.02 8.19 16.80
C PHE A 29 -19.00 8.70 17.85
N ASP A 30 -19.43 9.96 17.69
CA ASP A 30 -20.33 10.61 18.64
C ASP A 30 -19.77 10.59 20.05
N GLY A 31 -18.45 10.74 20.16
CA GLY A 31 -17.79 10.81 21.45
C GLY A 31 -17.53 9.47 22.12
N ASP A 32 -17.85 8.36 21.47
CA ASP A 32 -17.64 7.02 22.03
C ASP A 32 -16.57 6.31 21.24
N GLU A 33 -15.63 5.68 21.97
CA GLU A 33 -14.50 5.00 21.34
C GLU A 33 -14.99 3.74 20.64
N GLU A 34 -14.87 3.71 19.30
CA GLU A 34 -15.17 2.49 18.56
C GLU A 34 -14.14 1.42 18.85
N PHE A 35 -12.86 1.75 18.68
CA PHE A 35 -11.80 0.80 18.95
C PHE A 35 -10.51 1.58 19.23
N TYR A 36 -9.57 0.89 19.88
CA TYR A 36 -8.19 1.34 19.97
C TYR A 36 -7.30 0.22 19.46
N VAL A 37 -6.10 0.60 19.02
CA VAL A 37 -5.13 -0.35 18.48
C VAL A 37 -4.02 -0.51 19.51
N ASP A 38 -3.88 -1.73 20.03
CA ASP A 38 -2.78 -2.06 20.94
C ASP A 38 -1.49 -2.02 20.15
N LEU A 39 -0.72 -0.95 20.31
CA LEU A 39 0.49 -0.75 19.52
C LEU A 39 1.59 -1.74 19.86
N GLU A 40 1.51 -2.39 21.02
CA GLU A 40 2.53 -3.36 21.42
C GLU A 40 2.27 -4.75 20.85
N ARG A 41 1.00 -5.16 20.79
CA ARG A 41 0.63 -6.46 20.26
C ARG A 41 0.13 -6.41 18.82
N LYS A 42 0.02 -5.21 18.24
CA LYS A 42 -0.43 -5.03 16.85
C LYS A 42 -1.80 -5.65 16.64
N GLU A 43 -2.73 -5.33 17.54
CA GLU A 43 -4.08 -5.88 17.50
C GLU A 43 -5.10 -4.76 17.65
N THR A 44 -6.18 -4.86 16.89
CA THR A 44 -7.29 -3.91 16.97
C THR A 44 -8.28 -4.41 18.01
N VAL A 45 -8.62 -3.54 18.97
CA VAL A 45 -9.53 -3.91 20.06
C VAL A 45 -10.83 -3.13 19.94
N TRP A 46 -11.81 -3.71 19.26
CA TRP A 46 -13.12 -3.08 19.17
C TRP A 46 -13.83 -3.14 20.52
N GLN A 47 -14.63 -2.12 20.80
CA GLN A 47 -15.24 -1.93 22.10
C GLN A 47 -16.72 -2.33 22.15
N LEU A 48 -17.21 -3.02 21.12
CA LEU A 48 -18.58 -3.52 21.12
C LEU A 48 -18.63 -4.86 20.41
N PRO A 49 -19.43 -5.80 20.89
CA PRO A 49 -19.53 -7.10 20.18
C PRO A 49 -20.02 -6.97 18.75
N LEU A 50 -20.88 -5.99 18.47
CA LEU A 50 -21.33 -5.78 17.10
C LEU A 50 -20.19 -5.31 16.20
N PHE A 51 -19.23 -4.56 16.75
CA PHE A 51 -18.09 -4.12 15.96
C PHE A 51 -17.14 -5.28 15.66
N ARG A 52 -17.02 -6.24 16.57
CA ARG A 52 -16.07 -7.33 16.38
C ARG A 52 -16.51 -8.30 15.30
N ARG A 53 -17.81 -8.37 15.00
CA ARG A 53 -18.31 -9.32 14.02
C ARG A 53 -18.53 -8.72 12.63
N PHE A 54 -18.71 -7.40 12.54
CA PHE A 54 -19.00 -6.75 11.27
C PHE A 54 -17.93 -5.76 10.81
N ARG A 55 -17.10 -5.26 11.72
CA ARG A 55 -16.13 -4.23 11.39
C ARG A 55 -14.71 -4.77 11.54
N ARG A 56 -13.82 -4.29 10.69
CA ARG A 56 -12.43 -4.72 10.68
C ARG A 56 -11.54 -3.51 10.44
N PHE A 57 -10.33 -3.56 11.00
CA PHE A 57 -9.35 -2.49 10.86
C PHE A 57 -7.96 -3.07 10.97
N ASP A 58 -7.10 -2.71 10.03
CA ASP A 58 -5.73 -3.21 10.03
C ASP A 58 -4.89 -2.42 11.03
N PRO A 59 -4.32 -3.05 12.06
CA PRO A 59 -3.47 -2.30 13.00
C PRO A 59 -2.21 -1.74 12.36
N GLN A 60 -1.81 -2.23 11.20
CA GLN A 60 -0.61 -1.71 10.55
C GLN A 60 -0.80 -0.28 10.08
N PHE A 61 -2.03 0.11 9.76
CA PHE A 61 -2.30 1.51 9.42
C PHE A 61 -2.11 2.41 10.64
N ALA A 62 -2.43 1.91 11.83
CA ALA A 62 -2.25 2.70 13.04
C ALA A 62 -0.78 2.86 13.39
N LEU A 63 -0.01 1.77 13.29
CA LEU A 63 1.41 1.84 13.61
C LEU A 63 2.15 2.80 12.67
N THR A 64 1.72 2.86 11.41
CA THR A 64 2.39 3.73 10.46
C THR A 64 2.13 5.20 10.78
N ASN A 65 0.88 5.54 11.12
CA ASN A 65 0.56 6.93 11.44
C ASN A 65 1.27 7.39 12.71
N ILE A 66 1.34 6.51 13.73
CA ILE A 66 2.03 6.87 14.96
C ILE A 66 3.52 7.09 14.69
N ALA A 67 4.10 6.30 13.79
CA ALA A 67 5.49 6.51 13.42
C ALA A 67 5.69 7.86 12.74
N VAL A 68 4.71 8.30 11.95
CA VAL A 68 4.76 9.64 11.37
C VAL A 68 4.59 10.69 12.46
N LEU A 69 3.73 10.40 13.45
CA LEU A 69 3.57 11.32 14.57
C LEU A 69 4.87 11.45 15.36
N LYS A 70 5.62 10.36 15.49
CA LYS A 70 6.91 10.43 16.17
C LYS A 70 7.86 11.36 15.43
N HIS A 71 7.86 11.31 14.10
CA HIS A 71 8.68 12.23 13.33
C HIS A 71 8.15 13.65 13.43
N ASN A 72 6.84 13.83 13.23
CA ASN A 72 6.26 15.17 13.27
C ASN A 72 6.43 15.83 14.63
N LEU A 73 6.42 15.04 15.70
CA LEU A 73 6.61 15.62 17.04
C LEU A 73 8.01 16.19 17.19
N ASN A 74 9.03 15.47 16.71
CA ASN A 74 10.40 15.94 16.85
C ASN A 74 10.63 17.26 16.12
N CYS A 75 9.85 17.53 15.08
CA CYS A 75 10.05 18.76 14.31
C CYS A 75 9.41 19.96 14.99
N VAL A 76 8.16 19.81 15.43
CA VAL A 76 7.49 20.91 16.11
C VAL A 76 8.15 21.24 17.44
N ILE A 77 8.86 20.27 18.03
CA ILE A 77 9.66 20.56 19.22
C ILE A 77 10.79 21.52 18.86
N LYS A 78 11.50 21.24 17.77
CA LYS A 78 12.58 22.13 17.33
C LYS A 78 12.02 23.46 16.84
N ARG A 79 10.86 23.43 16.18
CA ARG A 79 10.30 24.64 15.60
C ARG A 79 9.72 25.57 16.68
N SER A 80 9.27 25.02 17.80
CA SER A 80 8.69 25.81 18.88
C SER A 80 9.66 26.06 20.02
N ASN A 81 10.97 25.91 19.76
CA ASN A 81 12.01 26.13 20.77
C ASN A 81 11.81 25.23 21.98
N SER A 82 11.37 24.00 21.73
CA SER A 82 11.11 23.00 22.77
C SER A 82 10.09 23.50 23.79
N THR A 83 8.92 23.87 23.27
CA THR A 83 7.81 24.33 24.10
C THR A 83 7.11 23.10 24.67
N ALA A 84 7.31 22.84 25.96
CA ALA A 84 6.70 21.70 26.61
C ALA A 84 5.22 21.96 26.87
N ALA A 85 4.49 20.88 27.13
CA ALA A 85 3.07 20.98 27.41
C ALA A 85 2.84 21.62 28.79
N THR A 86 1.60 22.02 29.03
CA THR A 86 1.20 22.63 30.29
C THR A 86 0.31 21.66 31.05
N ASN A 87 0.68 21.37 32.30
CA ASN A 87 -0.08 20.44 33.11
C ASN A 87 -1.40 21.06 33.54
N GLU A 88 -2.51 20.42 33.16
CA GLU A 88 -3.83 20.88 33.52
C GLU A 88 -4.31 20.18 34.79
N VAL A 89 -5.33 20.76 35.41
CA VAL A 89 -5.90 20.22 36.64
C VAL A 89 -7.10 19.35 36.26
N PRO A 90 -7.01 18.03 36.41
CA PRO A 90 -8.14 17.18 36.04
C PRO A 90 -9.20 17.14 37.13
N GLU A 91 -10.46 17.10 36.70
CA GLU A 91 -11.59 16.97 37.60
C GLU A 91 -12.10 15.54 37.59
N VAL A 92 -12.44 15.03 38.77
CA VAL A 92 -12.79 13.62 38.96
C VAL A 92 -14.22 13.53 39.45
N THR A 93 -14.99 12.63 38.83
CA THR A 93 -16.37 12.36 39.23
C THR A 93 -16.57 10.86 39.36
N VAL A 94 -17.21 10.44 40.44
CA VAL A 94 -17.47 9.03 40.70
C VAL A 94 -18.97 8.83 40.83
N PHE A 95 -19.49 7.78 40.18
CA PHE A 95 -20.91 7.46 40.23
C PHE A 95 -21.09 6.02 39.78
N SER A 96 -22.28 5.49 39.99
CA SER A 96 -22.63 4.14 39.60
C SER A 96 -23.30 4.13 38.24
N LYS A 97 -23.19 2.99 37.56
CA LYS A 97 -23.80 2.86 36.23
C LYS A 97 -25.30 2.69 36.32
N SER A 98 -25.78 1.95 37.32
CA SER A 98 -27.20 1.71 37.55
C SER A 98 -27.49 1.95 39.03
N PRO A 99 -28.76 2.12 39.39
CA PRO A 99 -29.12 2.22 40.81
C PRO A 99 -28.66 0.99 41.57
N VAL A 100 -27.88 1.23 42.63
CA VAL A 100 -27.24 0.14 43.37
C VAL A 100 -28.28 -0.65 44.13
N THR A 101 -28.24 -1.97 43.96
CA THR A 101 -29.10 -2.90 44.69
C THR A 101 -28.21 -3.94 45.36
N LEU A 102 -28.40 -4.12 46.66
CA LEU A 102 -27.54 -5.03 47.42
C LEU A 102 -27.64 -6.46 46.86
N GLY A 103 -26.49 -7.06 46.59
CA GLY A 103 -26.43 -8.40 46.04
C GLY A 103 -26.42 -8.47 44.53
N GLN A 104 -26.88 -7.42 43.85
CA GLN A 104 -26.89 -7.40 42.39
C GLN A 104 -25.63 -6.73 41.88
N PRO A 105 -24.82 -7.39 41.05
CA PRO A 105 -23.54 -6.80 40.63
C PRO A 105 -23.74 -5.54 39.81
N ASN A 106 -23.08 -4.47 40.23
CA ASN A 106 -23.11 -3.18 39.54
C ASN A 106 -21.70 -2.80 39.12
N THR A 107 -21.53 -1.55 38.70
CA THR A 107 -20.23 -1.05 38.27
C THR A 107 -20.08 0.40 38.70
N LEU A 108 -18.94 0.74 39.28
CA LEU A 108 -18.61 2.12 39.61
C LEU A 108 -17.86 2.75 38.45
N ILE A 109 -18.15 4.03 38.21
CA ILE A 109 -17.59 4.76 37.08
C ILE A 109 -16.83 5.98 37.64
N CYS A 110 -15.54 6.03 37.38
CA CYS A 110 -14.70 7.15 37.79
C CYS A 110 -14.32 7.94 36.54
N LEU A 111 -14.99 9.07 36.33
CA LEU A 111 -14.72 9.94 35.20
C LEU A 111 -13.64 10.94 35.58
N VAL A 112 -12.52 10.92 34.86
CA VAL A 112 -11.44 11.86 35.05
C VAL A 112 -11.39 12.75 33.82
N ASP A 113 -11.84 13.98 33.96
CA ASP A 113 -12.01 14.90 32.84
C ASP A 113 -10.88 15.93 32.82
N ASN A 114 -10.72 16.56 31.65
CA ASN A 114 -9.76 17.65 31.46
C ASN A 114 -8.33 17.19 31.78
N ILE A 115 -7.92 16.11 31.12
CA ILE A 115 -6.61 15.51 31.35
C ILE A 115 -5.65 16.04 30.29
N PHE A 116 -4.56 16.67 30.74
CA PHE A 116 -3.46 17.01 29.84
C PHE A 116 -2.21 17.32 30.65
N PRO A 117 -1.07 16.70 30.33
CA PRO A 117 -0.88 15.74 29.24
C PRO A 117 -1.55 14.39 29.52
N PRO A 118 -1.77 13.59 28.46
CA PRO A 118 -2.40 12.27 28.68
C PRO A 118 -1.49 11.30 29.44
N VAL A 119 -1.13 11.69 30.67
CA VAL A 119 -0.39 10.82 31.57
C VAL A 119 -1.06 10.88 32.93
N VAL A 120 -2.00 9.96 33.16
CA VAL A 120 -2.77 9.92 34.40
C VAL A 120 -2.63 8.53 35.01
N ASN A 121 -2.70 8.46 36.34
CA ASN A 121 -2.59 7.20 37.06
C ASN A 121 -3.81 7.06 37.97
N ILE A 122 -4.75 6.20 37.57
CA ILE A 122 -6.05 6.09 38.21
C ILE A 122 -6.18 4.70 38.83
N THR A 123 -6.50 4.65 40.12
CA THR A 123 -6.70 3.39 40.83
C THR A 123 -7.90 3.52 41.75
N TRP A 124 -8.40 2.37 42.20
CA TRP A 124 -9.53 2.30 43.13
C TRP A 124 -9.05 1.83 44.49
N LEU A 125 -9.80 2.21 45.53
CA LEU A 125 -9.53 1.79 46.89
C LEU A 125 -10.83 1.36 47.57
N SER A 126 -10.79 0.23 48.25
CA SER A 126 -11.94 -0.29 49.00
C SER A 126 -11.57 -0.38 50.47
N ASN A 127 -12.24 0.42 51.30
CA ASN A 127 -11.96 0.49 52.74
C ASN A 127 -10.50 0.84 53.00
N GLY A 128 -9.92 1.67 52.14
CA GLY A 128 -8.53 2.07 52.26
C GLY A 128 -7.54 1.14 51.59
N HIS A 129 -7.98 -0.01 51.10
CA HIS A 129 -7.11 -0.99 50.46
C HIS A 129 -7.18 -0.84 48.95
N SER A 130 -6.01 -0.88 48.31
CA SER A 130 -5.96 -0.81 46.86
C SER A 130 -6.64 -2.02 46.24
N VAL A 131 -7.51 -1.77 45.26
CA VAL A 131 -8.26 -2.83 44.59
C VAL A 131 -7.63 -3.06 43.22
N THR A 132 -7.26 -4.31 42.95
CA THR A 132 -6.67 -4.69 41.66
C THR A 132 -7.52 -5.71 40.92
N GLU A 133 -8.80 -5.82 41.27
CA GLU A 133 -9.70 -6.76 40.65
C GLU A 133 -10.95 -6.03 40.14
N GLY A 134 -11.37 -6.38 38.93
CA GLY A 134 -12.53 -5.73 38.35
C GLY A 134 -12.30 -4.30 37.93
N VAL A 135 -11.04 -3.89 37.78
CA VAL A 135 -10.71 -2.51 37.43
C VAL A 135 -10.43 -2.50 35.92
N SER A 136 -11.37 -1.98 35.15
CA SER A 136 -11.18 -1.72 33.74
C SER A 136 -10.87 -0.25 33.52
N GLU A 137 -10.55 0.10 32.28
CA GLU A 137 -10.13 1.47 31.98
C GLU A 137 -10.29 1.73 30.49
N THR A 138 -10.89 2.87 30.16
CA THR A 138 -10.97 3.28 28.77
C THR A 138 -9.62 3.83 28.30
N SER A 139 -9.53 4.11 27.00
CA SER A 139 -8.39 4.82 26.47
C SER A 139 -8.58 6.32 26.69
N PHE A 140 -7.58 7.10 26.27
CA PHE A 140 -7.70 8.56 26.34
C PHE A 140 -8.66 9.03 25.25
N LEU A 141 -9.85 9.47 25.66
CA LEU A 141 -10.86 9.93 24.73
C LEU A 141 -10.70 11.42 24.46
N SER A 142 -10.63 11.79 23.19
CA SER A 142 -10.32 13.16 22.81
C SER A 142 -11.47 14.10 23.16
N LYS A 143 -11.13 15.40 23.24
CA LYS A 143 -12.10 16.45 23.45
C LYS A 143 -11.87 17.55 22.42
N SER A 144 -12.88 18.40 22.25
CA SER A 144 -12.81 19.45 21.24
C SER A 144 -11.71 20.46 21.55
N ASP A 145 -11.46 20.73 22.83
CA ASP A 145 -10.37 21.61 23.22
C ASP A 145 -9.02 20.90 23.25
N HIS A 146 -8.92 19.72 22.63
CA HIS A 146 -7.70 18.94 22.45
C HIS A 146 -7.14 18.39 23.76
N SER A 147 -7.92 18.42 24.84
CA SER A 147 -7.56 17.69 26.04
C SER A 147 -8.21 16.30 25.98
N PHE A 148 -8.03 15.52 27.03
CA PHE A 148 -8.53 14.15 27.07
C PHE A 148 -9.31 13.93 28.36
N PHE A 149 -10.11 12.86 28.35
CA PHE A 149 -10.77 12.39 29.55
C PHE A 149 -10.77 10.86 29.54
N LYS A 150 -10.58 10.27 30.72
CA LYS A 150 -10.48 8.83 30.85
C LYS A 150 -11.47 8.35 31.91
N ILE A 151 -12.05 7.18 31.68
CA ILE A 151 -13.03 6.59 32.58
C ILE A 151 -12.49 5.24 33.07
N SER A 152 -12.51 5.06 34.39
CA SER A 152 -12.12 3.80 35.01
C SER A 152 -13.35 3.14 35.63
N TYR A 153 -13.44 1.83 35.48
CA TYR A 153 -14.59 1.06 35.96
C TYR A 153 -14.16 0.14 37.08
N LEU A 154 -15.11 -0.17 37.98
CA LEU A 154 -14.88 -1.09 39.08
C LEU A 154 -16.15 -1.90 39.29
N THR A 155 -16.14 -3.15 38.85
CA THR A 155 -17.25 -4.06 39.11
C THR A 155 -17.17 -4.54 40.56
N PHE A 156 -18.30 -4.49 41.25
CA PHE A 156 -18.33 -4.73 42.68
C PHE A 156 -19.62 -5.46 43.04
N LEU A 157 -19.74 -5.80 44.32
CA LEU A 157 -20.95 -6.39 44.88
C LEU A 157 -21.44 -5.49 46.01
N PRO A 158 -22.62 -4.88 45.91
CA PRO A 158 -23.06 -3.93 46.93
C PRO A 158 -23.27 -4.62 48.27
N SER A 159 -22.69 -4.02 49.32
CA SER A 159 -22.83 -4.51 50.68
C SER A 159 -23.06 -3.31 51.60
N ALA A 160 -23.26 -3.60 52.89
CA ALA A 160 -23.53 -2.53 53.85
C ALA A 160 -22.26 -1.76 54.21
N ASP A 161 -21.18 -2.47 54.51
CA ASP A 161 -19.93 -1.83 54.91
C ASP A 161 -18.98 -1.77 53.72
N GLU A 162 -19.34 -0.95 52.75
CA GLU A 162 -18.54 -0.73 51.55
C GLU A 162 -18.10 0.73 51.50
N ILE A 163 -16.82 0.94 51.23
CA ILE A 163 -16.23 2.27 51.11
C ILE A 163 -15.37 2.25 49.85
N TYR A 164 -15.78 3.01 48.83
CA TYR A 164 -15.07 3.05 47.56
C TYR A 164 -14.61 4.47 47.28
N ASP A 165 -13.33 4.61 46.95
CA ASP A 165 -12.74 5.88 46.58
C ASP A 165 -11.92 5.70 45.31
N CYS A 166 -11.94 6.70 44.44
CA CYS A 166 -11.16 6.70 43.21
C CYS A 166 -9.96 7.62 43.41
N LYS A 167 -8.77 7.04 43.45
CA LYS A 167 -7.54 7.82 43.55
C LYS A 167 -7.05 8.17 42.15
N VAL A 168 -6.77 9.44 41.92
CA VAL A 168 -6.29 9.94 40.64
C VAL A 168 -4.96 10.66 40.88
N GLU A 169 -3.95 10.29 40.10
CA GLU A 169 -2.61 10.85 40.23
C GLU A 169 -2.24 11.51 38.91
N HIS A 170 -1.96 12.82 38.95
CA HIS A 170 -1.64 13.57 37.75
C HIS A 170 -0.59 14.63 38.08
N TRP A 171 0.15 15.04 37.06
CA TRP A 171 1.18 16.06 37.23
C TRP A 171 0.60 17.43 37.54
N GLY A 172 -0.65 17.69 37.15
CA GLY A 172 -1.31 18.93 37.48
C GLY A 172 -1.89 19.00 38.87
N LEU A 173 -1.87 17.89 39.60
CA LEU A 173 -2.35 17.83 40.97
C LEU A 173 -1.18 17.90 41.93
N ASP A 174 -1.38 18.64 43.03
CA ASP A 174 -0.34 18.73 44.05
C ASP A 174 -0.26 17.46 44.89
N GLU A 175 -1.37 16.76 45.05
CA GLU A 175 -1.45 15.54 45.85
C GLU A 175 -2.40 14.58 45.14
N PRO A 176 -2.28 13.28 45.41
CA PRO A 176 -3.24 12.33 44.84
C PRO A 176 -4.66 12.65 45.27
N LEU A 177 -5.55 12.77 44.28
CA LEU A 177 -6.93 13.20 44.50
C LEU A 177 -7.78 11.98 44.83
N LEU A 178 -8.30 11.94 46.05
CA LEU A 178 -9.21 10.88 46.49
C LEU A 178 -10.63 11.39 46.38
N LYS A 179 -11.44 10.73 45.56
CA LYS A 179 -12.84 11.10 45.34
C LYS A 179 -13.72 9.97 45.85
N HIS A 180 -14.36 10.17 47.00
CA HIS A 180 -15.19 9.15 47.61
C HIS A 180 -16.52 9.04 46.87
N TRP A 181 -17.03 7.81 46.78
CA TRP A 181 -18.30 7.54 46.11
C TRP A 181 -19.42 7.56 47.13
N GLU A 182 -20.23 8.62 47.10
CA GLU A 182 -21.41 8.69 47.96
C GLU A 182 -22.54 7.87 47.35
N PRO A 183 -23.13 6.93 48.09
CA PRO A 183 -24.21 6.06 47.59
C PRO A 183 -25.43 6.84 47.12
N SER B 3 7.59 17.92 38.22
CA SER B 3 6.87 17.17 37.19
C SER B 3 7.69 17.07 35.91
N PRO B 4 7.81 15.86 35.37
CA PRO B 4 8.57 15.69 34.13
C PRO B 4 7.90 16.40 32.97
N GLU B 5 8.73 16.89 32.05
CA GLU B 5 8.22 17.59 30.88
C GLU B 5 7.71 16.61 29.84
N ASP B 6 6.71 17.04 29.08
CA ASP B 6 6.08 16.18 28.08
C ASP B 6 5.77 17.00 26.83
N PHE B 7 6.05 16.42 25.67
CA PHE B 7 5.75 17.02 24.38
C PHE B 7 4.70 16.16 23.70
N VAL B 8 3.50 16.71 23.52
CA VAL B 8 2.35 15.97 23.03
C VAL B 8 2.07 16.38 21.59
N TYR B 9 1.80 15.38 20.74
CA TYR B 9 1.41 15.62 19.36
C TYR B 9 0.10 14.87 19.09
N GLN B 10 -0.83 15.55 18.43
CA GLN B 10 -2.14 14.96 18.13
C GLN B 10 -2.49 15.19 16.66
N PHE B 11 -3.07 14.16 16.05
CA PHE B 11 -3.62 14.25 14.70
C PHE B 11 -5.03 13.69 14.73
N LYS B 12 -6.02 14.55 14.50
CA LYS B 12 -7.43 14.17 14.56
C LYS B 12 -8.00 14.22 13.15
N GLY B 13 -8.36 13.05 12.62
CA GLY B 13 -9.06 12.98 11.35
C GLY B 13 -10.56 12.95 11.57
N MET B 14 -11.21 14.11 11.56
CA MET B 14 -12.59 14.23 11.95
C MET B 14 -13.50 14.35 10.73
N CYS B 15 -14.62 13.64 10.77
CA CYS B 15 -15.66 13.69 9.74
C CYS B 15 -16.94 14.22 10.34
N TYR B 16 -17.63 15.09 9.61
CA TYR B 16 -18.88 15.69 10.05
C TYR B 16 -19.99 15.35 9.06
N PHE B 17 -21.10 14.83 9.57
CA PHE B 17 -22.21 14.38 8.74
C PHE B 17 -23.48 15.13 9.13
N THR B 18 -24.30 15.43 8.13
CA THR B 18 -25.57 16.12 8.35
C THR B 18 -26.58 15.63 7.31
N ASN B 19 -27.79 15.33 7.77
CA ASN B 19 -28.86 14.81 6.91
C ASN B 19 -28.40 13.57 6.15
N GLY B 20 -27.93 12.58 6.91
CA GLY B 20 -27.42 11.36 6.31
C GLY B 20 -26.10 11.57 5.59
N THR B 21 -26.10 11.39 4.28
CA THR B 21 -24.91 11.60 3.45
C THR B 21 -25.08 12.80 2.52
N GLU B 22 -25.98 13.73 2.86
CA GLU B 22 -26.18 14.91 2.01
C GLU B 22 -25.07 15.94 2.21
N ARG B 23 -24.64 16.15 3.45
CA ARG B 23 -23.59 17.11 3.77
C ARG B 23 -22.50 16.39 4.56
N VAL B 24 -21.35 16.18 3.95
CA VAL B 24 -20.22 15.51 4.56
C VAL B 24 -19.03 16.45 4.54
N ARG B 25 -18.37 16.62 5.69
CA ARG B 25 -17.25 17.53 5.82
C ARG B 25 -16.09 16.81 6.50
N LEU B 26 -14.88 17.03 5.97
CA LEU B 26 -13.67 16.42 6.49
C LEU B 26 -12.74 17.52 6.99
N VAL B 27 -12.30 17.40 8.24
CA VAL B 27 -11.35 18.32 8.85
C VAL B 27 -10.29 17.49 9.57
N THR B 28 -9.06 17.54 9.09
CA THR B 28 -7.94 16.86 9.72
C THR B 28 -7.12 17.89 10.49
N ARG B 29 -7.04 17.71 11.81
CA ARG B 29 -6.42 18.69 12.69
C ARG B 29 -5.05 18.19 13.15
N TYR B 30 -4.07 19.09 13.13
CA TYR B 30 -2.71 18.79 13.56
C TYR B 30 -2.39 19.66 14.77
N ILE B 31 -2.16 19.02 15.90
CA ILE B 31 -2.11 19.68 17.20
C ILE B 31 -0.77 19.40 17.85
N TYR B 32 -0.05 20.46 18.19
CA TYR B 32 1.13 20.37 19.05
C TYR B 32 0.70 20.71 20.47
N ASN B 33 0.85 19.74 21.38
CA ASN B 33 0.29 19.84 22.72
C ASN B 33 -1.21 20.09 22.64
N ARG B 34 -1.64 21.30 22.97
CA ARG B 34 -3.05 21.68 22.85
C ARG B 34 -3.22 22.85 21.90
N GLU B 35 -2.30 22.99 20.94
CA GLU B 35 -2.30 24.09 19.98
C GLU B 35 -2.41 23.51 18.58
N GLU B 36 -3.59 23.63 17.98
CA GLU B 36 -3.80 23.19 16.60
C GLU B 36 -3.13 24.17 15.65
N TYR B 37 -2.02 23.75 15.02
CA TYR B 37 -1.24 24.64 14.19
C TYR B 37 -1.53 24.51 12.70
N ALA B 38 -2.11 23.39 12.26
CA ALA B 38 -2.43 23.21 10.85
C ALA B 38 -3.66 22.32 10.74
N ARG B 39 -4.46 22.59 9.71
CA ARG B 39 -5.65 21.78 9.48
C ARG B 39 -5.97 21.78 7.98
N PHE B 40 -6.64 20.72 7.55
CA PHE B 40 -7.14 20.59 6.18
C PHE B 40 -8.65 20.53 6.23
N ASP B 41 -9.31 21.49 5.59
CA ASP B 41 -10.76 21.57 5.54
C ASP B 41 -11.22 21.19 4.14
N SER B 42 -12.05 20.15 4.05
CA SER B 42 -12.56 19.73 2.75
C SER B 42 -13.44 20.81 2.12
N ASP B 43 -14.11 21.61 2.94
CA ASP B 43 -14.85 22.76 2.41
C ASP B 43 -13.91 23.79 1.81
N VAL B 44 -12.68 23.86 2.30
CA VAL B 44 -11.67 24.73 1.70
C VAL B 44 -10.88 24.01 0.62
N GLY B 45 -10.51 22.76 0.87
CA GLY B 45 -9.85 21.94 -0.13
C GLY B 45 -8.33 21.96 -0.10
N VAL B 46 -7.72 22.77 0.76
CA VAL B 46 -6.27 22.87 0.84
C VAL B 46 -5.86 22.98 2.30
N TYR B 47 -4.61 22.58 2.57
CA TYR B 47 -4.06 22.73 3.92
C TYR B 47 -3.87 24.20 4.24
N ARG B 48 -4.24 24.59 5.46
CA ARG B 48 -4.09 25.95 5.93
C ARG B 48 -3.52 25.94 7.34
N ALA B 49 -2.65 26.89 7.62
CA ALA B 49 -2.06 27.01 8.95
C ALA B 49 -2.98 27.78 9.88
N VAL B 50 -3.21 27.24 11.07
CA VAL B 50 -4.05 27.92 12.05
C VAL B 50 -3.23 28.85 12.95
N THR B 51 -1.99 28.48 13.25
CA THR B 51 -1.09 29.29 14.06
C THR B 51 0.18 29.55 13.25
N PRO B 52 1.03 30.50 13.66
CA PRO B 52 2.31 30.70 12.94
C PRO B 52 3.30 29.56 13.12
N LEU B 53 2.84 28.45 13.70
CA LEU B 53 3.66 27.26 13.88
C LEU B 53 3.55 26.29 12.71
N GLY B 54 2.63 26.53 11.76
CA GLY B 54 2.43 25.65 10.64
C GLY B 54 2.48 26.21 9.24
N PRO B 55 2.91 27.47 9.03
CA PRO B 55 3.27 27.90 7.67
C PRO B 55 4.22 26.92 6.99
N PRO B 56 5.28 26.45 7.66
CA PRO B 56 6.15 25.48 6.98
C PRO B 56 5.46 24.18 6.63
N ALA B 57 4.48 23.75 7.44
CA ALA B 57 3.81 22.47 7.17
C ALA B 57 2.70 22.63 6.14
N ALA B 58 1.89 23.68 6.26
CA ALA B 58 0.76 23.86 5.33
C ALA B 58 1.24 24.18 3.92
N GLU B 59 2.27 25.02 3.80
CA GLU B 59 2.79 25.36 2.48
C GLU B 59 3.50 24.17 1.84
N TYR B 60 4.07 23.28 2.65
CA TYR B 60 4.81 22.14 2.10
C TYR B 60 3.89 21.00 1.71
N TRP B 61 2.82 20.76 2.50
CA TRP B 61 1.90 19.69 2.17
C TRP B 61 0.99 20.06 1.00
N ASN B 62 0.70 21.35 0.83
CA ASN B 62 -0.04 21.79 -0.35
C ASN B 62 0.77 21.67 -1.62
N SER B 63 2.11 21.67 -1.52
CA SER B 63 2.95 21.56 -2.71
C SER B 63 3.02 20.12 -3.21
N GLN B 64 2.93 19.13 -2.31
CA GLN B 64 2.93 17.74 -2.70
C GLN B 64 1.57 17.40 -3.31
N LYS B 65 1.53 17.25 -4.63
CA LYS B 65 0.26 17.11 -5.33
C LYS B 65 -0.51 15.87 -4.88
N GLU B 66 0.17 14.74 -4.76
CA GLU B 66 -0.52 13.51 -4.39
C GLU B 66 -1.00 13.54 -2.94
N VAL B 67 -0.23 14.18 -2.06
CA VAL B 67 -0.64 14.28 -0.66
C VAL B 67 -1.92 15.11 -0.55
N LEU B 68 -2.01 16.20 -1.31
CA LEU B 68 -3.21 17.03 -1.28
C LEU B 68 -4.39 16.30 -1.90
N GLU B 69 -4.18 15.61 -3.02
CA GLU B 69 -5.29 14.95 -3.71
C GLU B 69 -5.81 13.76 -2.91
N ARG B 70 -4.93 13.02 -2.24
CA ARG B 70 -5.38 11.89 -1.44
C ARG B 70 -6.13 12.37 -0.20
N THR B 71 -5.64 13.44 0.44
CA THR B 71 -6.37 14.00 1.58
C THR B 71 -7.72 14.54 1.14
N ARG B 72 -7.81 15.09 -0.07
CA ARG B 72 -9.10 15.48 -0.63
C ARG B 72 -9.99 14.26 -0.84
N ALA B 73 -9.42 13.16 -1.34
CA ALA B 73 -10.19 11.96 -1.61
C ALA B 73 -10.59 11.22 -0.34
N GLU B 74 -10.02 11.57 0.81
CA GLU B 74 -10.44 10.96 2.07
C GLU B 74 -11.87 11.35 2.45
N LEU B 75 -12.45 12.35 1.79
CA LEU B 75 -13.87 12.63 1.97
C LEU B 75 -14.72 11.46 1.50
N ASP B 76 -14.22 10.68 0.54
CA ASP B 76 -14.93 9.52 0.01
C ASP B 76 -14.36 8.20 0.51
N THR B 77 -13.05 8.11 0.70
CA THR B 77 -12.43 6.86 1.12
C THR B 77 -12.50 6.65 2.62
N VAL B 78 -12.65 7.71 3.41
CA VAL B 78 -12.71 7.57 4.86
C VAL B 78 -14.08 8.00 5.36
N CYS B 79 -14.42 9.29 5.22
CA CYS B 79 -15.65 9.80 5.80
C CYS B 79 -16.87 9.11 5.21
N ARG B 80 -17.01 9.14 3.89
CA ARG B 80 -18.21 8.56 3.27
C ARG B 80 -18.21 7.04 3.35
N HIS B 81 -17.04 6.41 3.20
CA HIS B 81 -16.99 4.95 3.21
C HIS B 81 -17.28 4.40 4.59
N ASN B 82 -16.62 4.92 5.62
CA ASN B 82 -16.84 4.41 6.98
C ASN B 82 -18.25 4.69 7.45
N TYR B 83 -18.88 5.77 6.98
CA TYR B 83 -20.24 6.08 7.38
C TYR B 83 -21.22 5.00 6.92
N GLN B 84 -20.94 4.36 5.79
CA GLN B 84 -21.79 3.26 5.34
C GLN B 84 -21.70 2.07 6.28
N LEU B 85 -20.55 1.83 6.90
CA LEU B 85 -20.44 0.79 7.92
C LEU B 85 -21.09 1.22 9.22
N GLU B 86 -21.15 2.53 9.49
CA GLU B 86 -21.90 3.00 10.66
C GLU B 86 -23.39 2.75 10.50
N LEU B 87 -23.89 2.88 9.27
CA LEU B 87 -25.30 2.61 9.01
C LEU B 87 -25.65 1.15 9.27
N ARG B 88 -24.68 0.25 9.12
CA ARG B 88 -24.91 -1.16 9.40
C ARG B 88 -24.81 -1.48 10.89
N THR B 89 -24.13 -0.65 11.68
CA THR B 89 -23.84 -0.97 13.06
C THR B 89 -24.25 0.13 14.02
N THR B 90 -23.48 1.23 14.04
CA THR B 90 -23.62 2.23 15.10
C THR B 90 -24.99 2.92 15.04
N LEU B 91 -25.42 3.33 13.86
CA LEU B 91 -26.67 4.06 13.71
C LEU B 91 -27.90 3.17 13.85
N GLN B 92 -27.71 1.86 14.05
CA GLN B 92 -28.81 0.95 14.34
C GLN B 92 -28.83 0.49 15.79
N ARG B 93 -27.85 0.89 16.59
CA ARG B 93 -27.80 0.51 18.00
C ARG B 93 -28.92 1.22 18.75
N ARG B 94 -29.78 0.43 19.42
CA ARG B 94 -30.93 0.95 20.15
C ARG B 94 -31.04 0.18 21.46
N VAL B 95 -30.46 0.74 22.51
CA VAL B 95 -30.52 0.17 23.85
C VAL B 95 -31.63 0.85 24.62
N GLU B 96 -32.63 0.08 25.04
CA GLU B 96 -33.76 0.65 25.75
C GLU B 96 -33.35 1.10 27.14
N PRO B 97 -33.79 2.27 27.60
CA PRO B 97 -33.38 2.76 28.91
C PRO B 97 -34.06 2.02 30.04
N THR B 98 -33.32 1.86 31.14
CA THR B 98 -33.86 1.29 32.37
C THR B 98 -34.29 2.44 33.29
N VAL B 99 -35.57 2.47 33.62
CA VAL B 99 -36.16 3.56 34.40
C VAL B 99 -36.51 3.03 35.78
N THR B 100 -36.01 3.71 36.82
CA THR B 100 -36.27 3.33 38.20
C THR B 100 -36.52 4.59 39.02
N ILE B 101 -37.58 4.57 39.83
CA ILE B 101 -37.88 5.63 40.76
C ILE B 101 -37.50 5.16 42.17
N SER B 102 -36.80 6.01 42.91
CA SER B 102 -36.37 5.66 44.25
C SER B 102 -36.26 6.91 45.11
N PRO B 103 -36.79 6.88 46.33
CA PRO B 103 -36.63 8.04 47.22
C PRO B 103 -35.17 8.26 47.58
N SER B 104 -34.73 9.50 47.47
CA SER B 104 -33.34 9.83 47.74
C SER B 104 -33.04 9.75 49.23
N ARG B 105 -31.77 9.54 49.54
CA ARG B 105 -31.32 9.43 50.93
C ARG B 105 -30.15 10.36 51.20
N ASN B 113 -38.50 15.68 51.16
CA ASN B 113 -38.04 14.45 50.52
C ASN B 113 -37.93 14.63 49.01
N LEU B 114 -37.01 13.89 48.40
CA LEU B 114 -36.69 14.04 46.98
C LEU B 114 -36.82 12.69 46.29
N LEU B 115 -37.67 12.63 45.27
CA LEU B 115 -37.78 11.46 44.42
C LEU B 115 -36.86 11.61 43.21
N VAL B 116 -36.15 10.53 42.88
CA VAL B 116 -35.25 10.52 41.74
C VAL B 116 -35.79 9.51 40.72
N CYS B 117 -35.67 9.86 39.44
CA CYS B 117 -36.03 8.96 38.34
C CYS B 117 -34.72 8.64 37.62
N SER B 118 -34.18 7.44 37.89
CA SER B 118 -32.87 7.05 37.39
C SER B 118 -33.03 6.34 36.05
N VAL B 119 -32.76 7.06 34.97
CA VAL B 119 -32.83 6.52 33.62
C VAL B 119 -31.40 6.19 33.19
N THR B 120 -31.09 4.90 33.10
CA THR B 120 -29.72 4.45 32.93
C THR B 120 -29.61 3.50 31.73
N ASP B 121 -28.41 3.46 31.15
CA ASP B 121 -28.02 2.48 30.14
C ASP B 121 -28.94 2.53 28.92
N PHE B 122 -28.81 3.62 28.16
CA PHE B 122 -29.56 3.78 26.93
C PHE B 122 -28.67 4.37 25.85
N TYR B 123 -29.07 4.13 24.60
CA TYR B 123 -28.39 4.62 23.41
C TYR B 123 -29.39 4.63 22.28
N PRO B 124 -29.46 5.69 21.47
CA PRO B 124 -28.54 6.83 21.46
C PRO B 124 -28.86 7.90 22.50
N ALA B 125 -28.25 9.07 22.33
CA ALA B 125 -28.30 10.12 23.34
C ALA B 125 -29.64 10.83 23.42
N GLN B 126 -30.47 10.75 22.38
CA GLN B 126 -31.74 11.46 22.37
C GLN B 126 -32.69 10.83 23.36
N ILE B 127 -33.10 11.60 24.37
CA ILE B 127 -34.00 11.10 25.42
C ILE B 127 -34.80 12.28 25.96
N LYS B 128 -35.92 11.95 26.62
CA LYS B 128 -36.78 12.96 27.23
C LYS B 128 -37.40 12.36 28.49
N VAL B 129 -37.32 13.11 29.59
CA VAL B 129 -37.84 12.66 30.88
C VAL B 129 -38.76 13.75 31.42
N ARG B 130 -39.94 13.33 31.90
CA ARG B 130 -40.92 14.25 32.48
C ARG B 130 -41.46 13.67 33.77
N TRP B 131 -41.68 14.55 34.76
CA TRP B 131 -42.26 14.16 36.03
C TRP B 131 -43.72 14.61 36.10
N PHE B 132 -44.55 13.76 36.69
CA PHE B 132 -45.97 14.03 36.88
C PHE B 132 -46.35 13.69 38.31
N ARG B 133 -46.98 14.64 39.00
CA ARG B 133 -47.38 14.43 40.39
C ARG B 133 -48.66 13.62 40.49
N ASN B 134 -49.66 13.95 39.68
CA ASN B 134 -50.90 13.20 39.61
C ASN B 134 -51.57 13.50 38.28
N ASP B 135 -50.92 13.09 37.18
CA ASP B 135 -51.30 13.44 35.82
C ASP B 135 -51.16 14.93 35.54
N GLN B 136 -50.68 15.69 36.51
CA GLN B 136 -50.28 17.08 36.32
C GLN B 136 -48.76 17.15 36.30
N GLU B 137 -48.22 17.70 35.22
CA GLU B 137 -46.77 17.72 35.06
C GLU B 137 -46.12 18.64 36.10
N GLU B 138 -44.99 18.18 36.65
CA GLU B 138 -44.21 18.95 37.59
C GLU B 138 -43.14 19.73 36.84
N THR B 139 -43.22 21.06 36.89
CA THR B 139 -42.21 21.91 36.26
C THR B 139 -41.18 22.34 37.30
N THR B 140 -41.57 23.27 38.17
CA THR B 140 -40.72 23.64 39.29
C THR B 140 -40.54 22.45 40.23
N GLY B 141 -39.44 22.47 40.98
CA GLY B 141 -39.09 21.36 41.83
C GLY B 141 -38.45 20.19 41.12
N VAL B 142 -38.51 20.14 39.80
CA VAL B 142 -37.84 19.11 39.02
C VAL B 142 -36.44 19.60 38.69
N VAL B 143 -35.43 18.85 39.13
CA VAL B 143 -34.04 19.14 38.83
C VAL B 143 -33.46 17.94 38.09
N SER B 144 -32.90 18.19 36.92
CA SER B 144 -32.28 17.15 36.11
C SER B 144 -30.77 17.36 36.07
N THR B 145 -30.08 16.36 35.56
CA THR B 145 -28.66 16.40 35.30
C THR B 145 -28.41 16.44 33.80
N PRO B 146 -27.29 16.99 33.36
CA PRO B 146 -26.92 16.83 31.95
C PRO B 146 -26.71 15.36 31.63
N LEU B 147 -26.86 15.03 30.35
CA LEU B 147 -26.68 13.64 29.94
C LEU B 147 -25.29 13.16 30.31
N ILE B 148 -25.22 11.96 30.88
CA ILE B 148 -23.97 11.39 31.39
C ILE B 148 -23.53 10.30 30.44
N ARG B 149 -22.27 10.37 29.99
CA ARG B 149 -21.69 9.39 29.09
C ARG B 149 -20.93 8.37 29.92
N ASN B 150 -21.46 7.15 30.01
CA ASN B 150 -20.82 6.11 30.81
C ASN B 150 -19.51 5.64 30.21
N GLY B 151 -19.27 5.89 28.93
CA GLY B 151 -18.05 5.46 28.28
C GLY B 151 -18.10 4.08 27.67
N ASP B 152 -19.18 3.33 27.86
CA ASP B 152 -19.36 2.01 27.29
C ASP B 152 -20.52 1.99 26.30
N TRP B 153 -20.66 3.08 25.53
CA TRP B 153 -21.71 3.23 24.53
C TRP B 153 -23.11 3.19 25.15
N THR B 154 -23.23 3.62 26.40
CA THR B 154 -24.52 3.79 27.07
C THR B 154 -24.52 5.13 27.79
N PHE B 155 -25.71 5.72 27.88
CA PHE B 155 -25.90 6.99 28.54
C PHE B 155 -26.76 6.83 29.79
N GLN B 156 -26.72 7.85 30.64
CA GLN B 156 -27.42 7.83 31.92
C GLN B 156 -27.88 9.24 32.23
N ILE B 157 -29.07 9.35 32.83
CA ILE B 157 -29.58 10.65 33.26
C ILE B 157 -30.44 10.44 34.51
N LEU B 158 -30.35 11.40 35.43
CA LEU B 158 -31.07 11.35 36.70
C LEU B 158 -31.90 12.61 36.81
N VAL B 159 -33.22 12.44 36.92
CA VAL B 159 -34.16 13.56 37.02
C VAL B 159 -34.83 13.48 38.38
N MET B 160 -34.51 14.43 39.25
CA MET B 160 -35.07 14.45 40.60
C MET B 160 -36.29 15.35 40.66
N LEU B 161 -37.11 15.14 41.70
CA LEU B 161 -38.33 15.91 41.89
C LEU B 161 -38.55 16.12 43.38
N GLU B 162 -38.66 17.39 43.79
CA GLU B 162 -39.00 17.71 45.16
C GLU B 162 -40.49 17.43 45.39
N MET B 163 -40.80 16.64 46.42
CA MET B 163 -42.16 16.17 46.62
C MET B 163 -42.52 16.25 48.09
N THR B 164 -43.83 16.21 48.36
CA THR B 164 -44.40 16.22 49.70
C THR B 164 -45.74 15.50 49.68
N PRO B 165 -45.80 14.21 50.04
CA PRO B 165 -47.01 13.39 50.00
C PRO B 165 -48.19 13.97 50.78
N ASP B 169 -51.43 10.21 46.53
CA ASP B 169 -50.74 10.84 45.41
C ASP B 169 -49.86 9.82 44.69
N VAL B 170 -49.90 9.84 43.35
CA VAL B 170 -49.22 8.86 42.52
C VAL B 170 -48.26 9.61 41.60
N TYR B 171 -47.00 9.71 42.01
CA TYR B 171 -45.99 10.37 41.19
C TYR B 171 -45.59 9.47 40.02
N THR B 172 -45.44 10.08 38.84
CA THR B 172 -45.22 9.33 37.60
C THR B 172 -44.05 9.94 36.84
N CYS B 173 -43.18 9.08 36.34
CA CYS B 173 -42.03 9.48 35.53
C CYS B 173 -42.18 8.91 34.12
N HIS B 174 -42.27 9.80 33.13
CA HIS B 174 -42.40 9.40 31.74
C HIS B 174 -41.08 9.58 31.01
N VAL B 175 -40.73 8.61 30.17
CA VAL B 175 -39.46 8.60 29.46
C VAL B 175 -39.72 8.27 27.99
N GLU B 176 -39.15 9.07 27.10
CA GLU B 176 -39.24 8.86 25.66
C GLU B 176 -37.84 8.62 25.10
N HIS B 177 -37.76 7.78 24.07
CA HIS B 177 -36.48 7.37 23.51
C HIS B 177 -36.73 6.74 22.15
N PRO B 178 -35.80 6.89 21.19
CA PRO B 178 -36.01 6.28 19.87
C PRO B 178 -36.15 4.77 19.91
N SER B 179 -35.51 4.10 20.88
CA SER B 179 -35.65 2.66 21.00
C SER B 179 -37.02 2.24 21.51
N LEU B 180 -37.86 3.20 21.90
CA LEU B 180 -39.16 2.92 22.51
C LEU B 180 -40.26 3.54 21.64
N GLN B 181 -41.05 2.70 20.98
CA GLN B 181 -42.27 3.20 20.36
C GLN B 181 -43.30 3.55 21.43
N ASN B 182 -43.26 2.88 22.58
CA ASN B 182 -44.12 3.19 23.71
C ASN B 182 -43.31 3.88 24.79
N PRO B 183 -43.70 5.06 25.25
CA PRO B 183 -42.93 5.73 26.31
C PRO B 183 -43.04 4.98 27.62
N ILE B 184 -41.91 4.83 28.30
CA ILE B 184 -41.87 4.14 29.59
C ILE B 184 -42.53 5.01 30.64
N ILE B 185 -43.55 4.46 31.30
CA ILE B 185 -44.31 5.16 32.33
C ILE B 185 -44.14 4.39 33.63
N VAL B 186 -43.52 5.03 34.62
CA VAL B 186 -43.24 4.41 35.92
C VAL B 186 -43.88 5.25 37.01
N GLU B 187 -44.67 4.59 37.85
CA GLU B 187 -45.32 5.24 38.98
C GLU B 187 -44.61 4.88 40.28
N TRP B 188 -44.52 5.83 41.20
CA TRP B 188 -43.84 5.61 42.48
C TRP B 188 -44.84 5.16 43.54
N ARG B 189 -45.77 6.04 43.90
CA ARG B 189 -46.82 5.74 44.87
C ARG B 189 -46.25 5.34 46.23
N GLY C 1 -10.19 -10.06 5.31
CA GLY C 1 -11.38 -9.26 5.51
C GLY C 1 -11.19 -7.80 5.18
N GLN C 2 -12.18 -7.21 4.50
CA GLN C 2 -12.11 -5.79 4.16
C GLN C 2 -12.06 -4.95 5.44
N VAL C 3 -11.15 -3.99 5.45
CA VAL C 3 -10.98 -3.11 6.61
C VAL C 3 -11.25 -1.68 6.19
N GLU C 4 -11.80 -0.91 7.12
CA GLU C 4 -11.95 0.51 6.92
C GLU C 4 -10.62 1.21 7.26
N LEU C 5 -10.47 2.42 6.74
CA LEU C 5 -9.25 3.19 6.91
C LEU C 5 -9.53 4.44 7.70
N GLY C 6 -8.47 4.99 8.30
CA GLY C 6 -8.51 6.28 8.94
C GLY C 6 -7.84 7.36 8.09
N GLY C 7 -7.75 8.55 8.67
CA GLY C 7 -7.08 9.64 7.99
C GLY C 7 -5.58 9.42 7.93
N GLY C 8 -5.01 9.67 6.76
CA GLY C 8 -3.58 9.53 6.56
C GLY C 8 -2.84 10.81 6.97
N THR C 9 -1.69 10.63 7.62
CA THR C 9 -0.93 11.77 8.10
C THR C 9 0.30 12.01 7.21
N PRO C 10 0.65 13.27 6.97
CA PRO C 10 1.84 13.56 6.18
C PRO C 10 3.08 13.81 7.02
N ILE C 11 4.24 13.66 6.40
CA ILE C 11 5.52 13.87 7.08
C ILE C 11 5.92 15.33 6.93
N GLU C 12 6.29 15.97 8.04
CA GLU C 12 6.70 17.36 8.00
C GLU C 12 8.01 17.51 7.19
N SER C 13 8.40 18.77 7.00
CA SER C 13 9.57 19.13 6.18
C SER C 13 10.81 18.34 6.60
N CYS C 14 11.35 18.66 7.77
CA CYS C 14 12.38 17.89 8.47
C CYS C 14 12.55 16.44 8.02
N MET D 1 -6.62 -12.02 -6.51
CA MET D 1 -6.76 -10.59 -6.72
C MET D 1 -8.23 -10.21 -6.97
N LYS D 2 -8.49 -8.91 -6.99
CA LYS D 2 -9.82 -8.39 -7.29
C LYS D 2 -9.99 -8.02 -8.76
N THR D 3 -8.93 -8.08 -9.55
CA THR D 3 -8.96 -7.65 -10.94
C THR D 3 -8.89 -8.86 -11.87
N THR D 4 -9.65 -8.78 -12.96
CA THR D 4 -9.58 -9.74 -14.05
C THR D 4 -9.30 -8.97 -15.34
N GLN D 5 -8.35 -9.45 -16.12
CA GLN D 5 -7.93 -8.81 -17.35
C GLN D 5 -7.93 -9.83 -18.48
N PRO D 6 -8.05 -9.37 -19.72
CA PRO D 6 -7.81 -10.25 -20.87
C PRO D 6 -6.35 -10.69 -20.88
N PRO D 7 -6.09 -11.99 -21.01
CA PRO D 7 -4.70 -12.45 -20.94
C PRO D 7 -3.80 -11.85 -22.01
N SER D 8 -4.28 -11.77 -23.25
CA SER D 8 -3.53 -11.17 -24.34
C SER D 8 -4.45 -10.25 -25.12
N MET D 9 -3.85 -9.25 -25.78
CA MET D 9 -4.60 -8.30 -26.58
C MET D 9 -3.68 -7.70 -27.62
N ASP D 10 -4.09 -7.74 -28.88
CA ASP D 10 -3.32 -7.20 -29.98
C ASP D 10 -3.82 -5.80 -30.33
N CYS D 11 -2.92 -5.00 -30.91
CA CYS D 11 -3.25 -3.63 -31.30
C CYS D 11 -2.33 -3.21 -32.43
N ALA D 12 -2.88 -2.46 -33.39
CA ALA D 12 -2.09 -1.94 -34.49
C ALA D 12 -1.40 -0.65 -34.09
N GLU D 13 -0.20 -0.45 -34.64
CA GLU D 13 0.57 0.75 -34.30
C GLU D 13 -0.14 2.00 -34.77
N GLY D 14 -0.09 3.04 -33.94
CA GLY D 14 -0.78 4.28 -34.22
C GLY D 14 -2.19 4.34 -33.71
N ARG D 15 -2.85 3.20 -33.55
CA ARG D 15 -4.22 3.16 -33.05
C ARG D 15 -4.24 3.36 -31.54
N ALA D 16 -5.44 3.39 -30.97
CA ALA D 16 -5.63 3.55 -29.54
C ALA D 16 -5.92 2.20 -28.91
N ALA D 17 -5.18 1.88 -27.84
CA ALA D 17 -5.34 0.62 -27.14
C ALA D 17 -6.24 0.82 -25.93
N ASN D 18 -7.34 0.08 -25.88
CA ASN D 18 -8.30 0.13 -24.77
C ASN D 18 -8.19 -1.18 -24.00
N LEU D 19 -7.41 -1.16 -22.92
CA LEU D 19 -7.18 -2.36 -22.12
C LEU D 19 -8.27 -2.46 -21.06
N PRO D 20 -9.19 -3.42 -21.15
CA PRO D 20 -10.26 -3.52 -20.15
C PRO D 20 -9.78 -4.17 -18.87
N CYS D 21 -10.59 -4.01 -17.83
CA CYS D 21 -10.29 -4.58 -16.52
C CYS D 21 -11.56 -4.61 -15.70
N ASN D 22 -11.86 -5.76 -15.10
CA ASN D 22 -13.06 -5.91 -14.27
C ASN D 22 -12.65 -6.05 -12.81
N HIS D 23 -13.35 -5.31 -11.94
CA HIS D 23 -13.15 -5.41 -10.51
C HIS D 23 -14.44 -5.09 -9.75
N SER D 24 -15.39 -6.02 -9.80
CA SER D 24 -16.70 -5.77 -9.21
C SER D 24 -16.68 -5.79 -7.70
N THR D 25 -15.66 -6.40 -7.09
CA THR D 25 -15.57 -6.50 -5.63
C THR D 25 -14.75 -5.36 -5.03
N ILE D 26 -14.53 -4.27 -5.76
CA ILE D 26 -13.79 -3.15 -5.21
C ILE D 26 -14.64 -2.42 -4.18
N SER D 27 -13.97 -1.72 -3.27
CA SER D 27 -14.61 -0.99 -2.21
C SER D 27 -14.36 0.51 -2.37
N GLY D 28 -15.10 1.31 -1.61
CA GLY D 28 -14.99 2.76 -1.72
C GLY D 28 -13.66 3.31 -1.23
N ASN D 29 -12.89 2.51 -0.50
CA ASN D 29 -11.60 2.95 0.04
C ASN D 29 -10.42 2.37 -0.72
N GLU D 30 -10.65 1.83 -1.91
CA GLU D 30 -9.60 1.17 -2.69
C GLU D 30 -9.45 1.87 -4.03
N TYR D 31 -8.20 2.13 -4.41
CA TYR D 31 -7.90 2.74 -5.70
C TYR D 31 -7.64 1.69 -6.77
N VAL D 32 -7.77 2.11 -8.03
CA VAL D 32 -7.39 1.29 -9.17
C VAL D 32 -6.03 1.77 -9.67
N TYR D 33 -5.08 0.85 -9.79
CA TYR D 33 -3.74 1.17 -10.24
C TYR D 33 -3.44 0.43 -11.54
N TRP D 34 -2.68 1.09 -12.40
CA TRP D 34 -2.23 0.50 -13.67
C TRP D 34 -0.72 0.58 -13.75
N TYR D 35 -0.09 -0.56 -14.01
CA TYR D 35 1.35 -0.64 -14.19
C TYR D 35 1.64 -1.43 -15.46
N ARG D 36 2.82 -1.19 -16.03
CA ARG D 36 3.28 -1.96 -17.17
C ARG D 36 4.74 -2.33 -16.96
N GLN D 37 5.15 -3.45 -17.57
CA GLN D 37 6.51 -3.95 -17.47
C GLN D 37 6.99 -4.32 -18.87
N ILE D 38 8.01 -3.62 -19.34
CA ILE D 38 8.62 -3.90 -20.64
C ILE D 38 9.71 -4.94 -20.44
N HIS D 39 9.58 -6.07 -21.12
CA HIS D 39 10.58 -7.17 -21.08
C HIS D 39 10.75 -7.57 -19.61
N SER D 40 11.99 -7.80 -19.16
CA SER D 40 12.28 -8.13 -17.78
C SER D 40 12.80 -6.92 -16.99
N GLN D 41 12.31 -5.72 -17.33
CA GLN D 41 12.71 -4.50 -16.66
C GLN D 41 11.81 -4.24 -15.46
N GLY D 42 12.03 -3.11 -14.80
CA GLY D 42 11.22 -2.72 -13.67
C GLY D 42 9.84 -2.25 -14.09
N PRO D 43 8.83 -2.57 -13.29
CA PRO D 43 7.46 -2.11 -13.60
C PRO D 43 7.37 -0.59 -13.60
N GLN D 44 6.75 -0.05 -14.64
CA GLN D 44 6.60 1.39 -14.81
C GLN D 44 5.19 1.82 -14.40
N TYR D 45 5.11 2.82 -13.51
CA TYR D 45 3.82 3.33 -13.07
C TYR D 45 3.15 4.10 -14.21
N ILE D 46 1.90 3.76 -14.49
CA ILE D 46 1.15 4.41 -15.55
C ILE D 46 0.25 5.48 -14.96
N ILE D 47 -0.81 5.05 -14.25
CA ILE D 47 -1.83 5.97 -13.77
C ILE D 47 -2.59 5.31 -12.62
N HIS D 48 -3.38 6.10 -11.90
CA HIS D 48 -4.24 5.57 -10.85
C HIS D 48 -5.39 6.52 -10.64
N GLY D 49 -6.49 5.99 -10.11
CA GLY D 49 -7.68 6.79 -9.87
C GLY D 49 -8.59 6.11 -8.87
N LEU D 50 -9.66 6.83 -8.53
CA LEU D 50 -10.64 6.34 -7.55
C LEU D 50 -12.01 6.14 -8.18
N LYS D 51 -12.60 7.18 -8.77
CA LYS D 51 -13.92 7.05 -9.39
C LYS D 51 -14.03 7.95 -10.61
N ASN D 52 -13.33 9.08 -10.60
CA ASN D 52 -13.31 9.97 -11.74
C ASN D 52 -12.45 9.39 -12.87
N ASN D 53 -12.39 10.10 -13.98
CA ASN D 53 -11.52 9.74 -15.09
C ASN D 53 -10.24 10.56 -15.01
N GLU D 54 -9.10 9.88 -15.01
CA GLU D 54 -7.81 10.53 -14.91
C GLU D 54 -7.09 10.51 -16.25
N THR D 55 -6.19 11.46 -16.42
CA THR D 55 -5.43 11.58 -17.66
C THR D 55 -4.08 12.22 -17.36
N ASN D 56 -3.00 11.49 -17.60
CA ASN D 56 -1.65 12.02 -17.55
C ASN D 56 -1.05 12.00 -18.95
N GLU D 57 0.22 12.40 -19.04
CA GLU D 57 0.91 12.44 -20.34
C GLU D 57 1.10 11.06 -20.95
N MET D 58 0.82 9.99 -20.20
CA MET D 58 1.05 8.62 -20.67
C MET D 58 -0.21 7.95 -21.18
N ALA D 59 -1.32 8.06 -20.44
CA ALA D 59 -2.56 7.37 -20.82
C ALA D 59 -3.73 8.06 -20.15
N SER D 60 -4.91 7.48 -20.34
CA SER D 60 -6.15 7.95 -19.72
C SER D 60 -6.84 6.77 -19.07
N LEU D 61 -7.42 7.00 -17.89
CA LEU D 61 -8.11 5.97 -17.13
C LEU D 61 -9.60 6.30 -17.08
N ILE D 62 -10.44 5.35 -17.46
CA ILE D 62 -11.88 5.50 -17.46
C ILE D 62 -12.46 4.46 -16.52
N ILE D 63 -13.01 4.90 -15.40
CA ILE D 63 -13.66 4.04 -14.42
C ILE D 63 -15.16 4.24 -14.52
N THR D 64 -15.91 3.13 -14.53
CA THR D 64 -17.36 3.21 -14.65
C THR D 64 -17.97 3.89 -13.43
N GLU D 65 -19.22 4.32 -13.58
CA GLU D 65 -19.91 5.03 -12.51
C GLU D 65 -20.08 4.13 -11.29
N ASP D 66 -20.34 2.84 -11.50
CA ASP D 66 -20.47 1.89 -10.41
C ASP D 66 -19.13 1.30 -9.97
N ARG D 67 -18.03 1.77 -10.55
CA ARG D 67 -16.66 1.39 -10.17
C ARG D 67 -16.41 -0.11 -10.25
N LYS D 68 -17.22 -0.84 -11.01
CA LYS D 68 -17.06 -2.29 -11.11
C LYS D 68 -16.15 -2.72 -12.26
N SER D 69 -15.75 -1.79 -13.12
CA SER D 69 -14.82 -2.09 -14.20
C SER D 69 -14.16 -0.79 -14.64
N SER D 70 -13.03 -0.93 -15.32
CA SER D 70 -12.27 0.22 -15.78
C SER D 70 -11.60 -0.10 -17.10
N THR D 71 -10.95 0.91 -17.68
CA THR D 71 -10.28 0.77 -18.96
C THR D 71 -9.09 1.71 -18.99
N LEU D 72 -7.94 1.20 -19.45
CA LEU D 72 -6.75 2.02 -19.67
C LEU D 72 -6.65 2.34 -21.15
N ILE D 73 -6.67 3.62 -21.49
CA ILE D 73 -6.70 4.08 -22.88
C ILE D 73 -5.33 4.65 -23.22
N LEU D 74 -4.59 3.92 -24.05
CA LEU D 74 -3.34 4.41 -24.61
C LEU D 74 -3.64 4.99 -25.99
N PRO D 75 -3.65 6.31 -26.15
CA PRO D 75 -4.08 6.88 -27.44
C PRO D 75 -3.12 6.61 -28.59
N HIS D 76 -1.83 6.90 -28.38
CA HIS D 76 -0.82 6.78 -29.43
C HIS D 76 0.03 5.55 -29.13
N ALA D 77 -0.32 4.42 -29.74
CA ALA D 77 0.38 3.17 -29.49
C ALA D 77 1.66 3.12 -30.32
N THR D 78 2.79 2.99 -29.66
CA THR D 78 4.08 2.81 -30.31
C THR D 78 4.56 1.38 -30.12
N LEU D 79 5.61 1.02 -30.85
CA LEU D 79 6.24 -0.28 -30.65
C LEU D 79 6.89 -0.39 -29.27
N ARG D 80 7.20 0.75 -28.65
CA ARG D 80 7.71 0.76 -27.28
C ARG D 80 6.61 0.55 -26.24
N ASP D 81 5.36 0.49 -26.66
CA ASP D 81 4.24 0.24 -25.77
C ASP D 81 3.89 -1.25 -25.69
N THR D 82 4.70 -2.12 -26.28
CA THR D 82 4.49 -3.56 -26.19
C THR D 82 5.00 -4.03 -24.83
N ALA D 83 4.09 -4.33 -23.92
CA ALA D 83 4.45 -4.72 -22.56
C ALA D 83 3.28 -5.41 -21.90
N VAL D 84 3.52 -5.92 -20.70
CA VAL D 84 2.48 -6.54 -19.88
C VAL D 84 1.86 -5.46 -19.03
N TYR D 85 0.55 -5.28 -19.14
CA TYR D 85 -0.17 -4.21 -18.44
C TYR D 85 -0.94 -4.81 -17.27
N TYR D 86 -0.62 -4.34 -16.07
CA TYR D 86 -1.20 -4.86 -14.84
C TYR D 86 -2.24 -3.89 -14.30
N CYS D 87 -3.48 -4.34 -14.21
CA CYS D 87 -4.55 -3.61 -13.56
C CYS D 87 -4.66 -4.13 -12.14
N ILE D 88 -4.35 -3.28 -11.16
CA ILE D 88 -4.26 -3.68 -9.77
C ILE D 88 -5.20 -2.81 -8.93
N VAL D 89 -5.91 -3.45 -8.01
CA VAL D 89 -6.71 -2.75 -7.01
C VAL D 89 -5.92 -2.77 -5.72
N ARG D 90 -5.48 -1.59 -5.27
CA ARG D 90 -4.77 -1.48 -4.00
C ARG D 90 -5.78 -1.70 -2.88
N VAL D 91 -5.73 -2.88 -2.27
CA VAL D 91 -6.83 -3.34 -1.44
C VAL D 91 -6.72 -2.74 -0.04
N ALA D 92 -7.85 -2.73 0.65
CA ALA D 92 -7.95 -2.34 2.06
C ALA D 92 -8.36 -3.57 2.87
N ILE D 93 -7.46 -4.55 2.94
CA ILE D 93 -7.71 -5.82 3.60
C ILE D 93 -6.67 -6.01 4.68
N GLU D 94 -7.06 -6.67 5.77
CA GLU D 94 -6.13 -6.95 6.85
C GLU D 94 -4.99 -7.84 6.35
N GLY D 95 -3.77 -7.52 6.80
CA GLY D 95 -2.58 -8.20 6.35
C GLY D 95 -2.03 -7.72 5.03
N SER D 96 -2.84 -7.01 4.23
CA SER D 96 -2.39 -6.49 2.93
C SER D 96 -2.94 -5.10 2.68
N GLN D 97 -3.11 -4.29 3.74
CA GLN D 97 -3.66 -2.95 3.61
C GLN D 97 -2.66 -2.06 2.86
N GLY D 98 -3.03 -1.63 1.67
CA GLY D 98 -2.17 -0.81 0.85
C GLY D 98 -1.20 -1.56 -0.03
N ASN D 99 -1.37 -2.86 -0.18
CA ASN D 99 -0.49 -3.66 -1.02
C ASN D 99 -0.98 -3.67 -2.45
N LEU D 100 -0.03 -3.71 -3.38
CA LEU D 100 -0.31 -3.85 -4.81
C LEU D 100 0.06 -5.27 -5.21
N ILE D 101 -0.95 -6.14 -5.27
CA ILE D 101 -0.75 -7.55 -5.60
C ILE D 101 -0.97 -7.71 -7.11
N PHE D 102 0.11 -8.03 -7.83
CA PHE D 102 0.05 -8.16 -9.27
C PHE D 102 -0.65 -9.45 -9.67
N GLY D 103 -1.39 -9.37 -10.79
CA GLY D 103 -2.03 -10.52 -11.37
C GLY D 103 -1.34 -10.99 -12.64
N LYS D 104 -2.07 -11.77 -13.43
CA LYS D 104 -1.53 -12.24 -14.70
C LYS D 104 -1.30 -11.09 -15.67
N GLY D 105 -2.21 -10.11 -15.67
CA GLY D 105 -2.07 -8.94 -16.52
C GLY D 105 -2.50 -9.21 -17.95
N THR D 106 -2.30 -8.19 -18.78
CA THR D 106 -2.64 -8.23 -20.20
C THR D 106 -1.37 -8.01 -21.02
N LYS D 107 -1.07 -8.96 -21.89
CA LYS D 107 0.07 -8.84 -22.81
C LYS D 107 -0.39 -8.07 -24.05
N LEU D 108 0.02 -6.82 -24.17
CA LEU D 108 -0.36 -5.96 -25.28
C LEU D 108 0.74 -6.00 -26.33
N SER D 109 0.43 -6.54 -27.50
CA SER D 109 1.37 -6.62 -28.61
C SER D 109 0.99 -5.55 -29.64
N VAL D 110 1.83 -4.54 -29.77
CA VAL D 110 1.62 -3.47 -30.73
C VAL D 110 2.18 -3.94 -32.08
N LYS D 111 1.29 -4.39 -32.96
CA LYS D 111 1.71 -4.91 -34.25
C LYS D 111 2.07 -3.76 -35.18
N PRO D 112 3.30 -3.69 -35.68
CA PRO D 112 3.65 -2.63 -36.64
C PRO D 112 2.97 -2.85 -37.98
N ASN D 113 2.97 -1.78 -38.78
CA ASN D 113 2.32 -1.79 -40.10
C ASN D 113 3.41 -1.88 -41.17
N ILE D 114 3.59 -3.07 -41.72
CA ILE D 114 4.56 -3.28 -42.79
C ILE D 114 3.90 -2.88 -44.10
N GLN D 115 4.45 -1.83 -44.74
CA GLN D 115 3.81 -1.29 -45.94
C GLN D 115 3.86 -2.28 -47.10
N ASN D 116 5.07 -2.70 -47.49
CA ASN D 116 5.25 -3.64 -48.60
C ASN D 116 5.81 -4.95 -48.06
N PRO D 117 4.96 -5.88 -47.62
CA PRO D 117 5.48 -7.15 -47.09
C PRO D 117 5.95 -8.11 -48.16
N ASP D 118 7.26 -8.14 -48.40
CA ASP D 118 7.88 -9.08 -49.34
C ASP D 118 8.65 -10.12 -48.53
N PRO D 119 8.00 -11.20 -48.11
CA PRO D 119 8.69 -12.18 -47.25
C PRO D 119 9.64 -13.05 -48.04
N ALA D 120 10.76 -13.39 -47.39
CA ALA D 120 11.78 -14.22 -48.01
C ALA D 120 12.68 -14.78 -46.92
N VAL D 121 13.28 -15.94 -47.21
CA VAL D 121 14.21 -16.59 -46.29
C VAL D 121 15.59 -16.58 -46.94
N TYR D 122 16.54 -15.96 -46.26
CA TYR D 122 17.91 -15.86 -46.74
C TYR D 122 18.84 -16.67 -45.83
N GLN D 123 19.99 -17.04 -46.39
CA GLN D 123 21.03 -17.76 -45.65
C GLN D 123 22.25 -16.86 -45.51
N LEU D 124 22.72 -16.71 -44.27
CA LEU D 124 23.85 -15.85 -43.96
C LEU D 124 25.07 -16.68 -43.59
N ARG D 125 26.23 -16.28 -44.09
CA ARG D 125 27.49 -16.95 -43.82
C ARG D 125 28.21 -16.29 -42.65
N ASP D 126 28.97 -17.09 -41.91
CA ASP D 126 29.71 -16.58 -40.77
C ASP D 126 30.85 -15.68 -41.24
N SER D 127 31.14 -14.64 -40.45
CA SER D 127 32.19 -13.69 -40.79
C SER D 127 33.59 -14.25 -40.55
N LYS D 128 33.73 -15.29 -39.73
CA LYS D 128 35.02 -15.90 -39.44
C LYS D 128 35.18 -17.26 -40.10
N SER D 129 34.31 -18.21 -39.77
CA SER D 129 34.37 -19.54 -40.35
C SER D 129 32.97 -20.12 -40.54
N ASP D 131 31.97 -22.77 -41.96
CA ASP D 131 31.20 -23.98 -41.66
C ASP D 131 29.94 -23.65 -40.88
N LYS D 132 29.82 -22.39 -40.45
CA LYS D 132 28.68 -21.93 -39.68
C LYS D 132 27.82 -21.01 -40.53
N SER D 133 26.50 -21.13 -40.36
CA SER D 133 25.55 -20.32 -41.13
C SER D 133 24.21 -20.33 -40.43
N VAL D 134 23.43 -19.27 -40.66
CA VAL D 134 22.10 -19.12 -40.09
C VAL D 134 21.12 -18.78 -41.21
N CYS D 135 19.84 -19.03 -40.93
CA CYS D 135 18.76 -18.69 -41.84
C CYS D 135 18.00 -17.49 -41.29
N LEU D 136 17.57 -16.60 -42.17
CA LEU D 136 16.90 -15.36 -41.79
C LEU D 136 15.59 -15.24 -42.54
N PHE D 137 14.48 -15.36 -41.82
CA PHE D 137 13.15 -15.08 -42.35
C PHE D 137 12.78 -13.66 -41.98
N THR D 138 12.61 -12.81 -43.00
CA THR D 138 12.45 -11.38 -42.77
C THR D 138 11.40 -10.80 -43.71
N ASP D 139 11.03 -9.55 -43.45
CA ASP D 139 10.14 -8.76 -44.30
C ASP D 139 8.77 -9.40 -44.47
N PHE D 140 8.27 -10.07 -43.42
CA PHE D 140 6.94 -10.65 -43.45
C PHE D 140 5.98 -9.77 -42.64
N ASP D 141 4.69 -9.91 -42.97
CA ASP D 141 3.67 -9.08 -42.34
C ASP D 141 3.57 -9.37 -40.85
N SER D 142 3.12 -8.36 -40.09
CA SER D 142 3.01 -8.48 -38.64
C SER D 142 1.88 -9.40 -38.20
N GLN D 143 1.05 -9.88 -39.14
CA GLN D 143 -0.03 -10.81 -38.83
C GLN D 143 0.37 -12.26 -39.10
N THR D 144 1.67 -12.55 -39.03
CA THR D 144 2.20 -13.89 -39.26
C THR D 144 2.88 -14.39 -38.00
N ASN D 145 2.85 -15.70 -37.79
CA ASN D 145 3.40 -16.33 -36.61
C ASN D 145 4.61 -17.18 -36.97
N VAL D 146 5.66 -17.08 -36.17
CA VAL D 146 6.87 -17.88 -36.33
C VAL D 146 6.88 -18.88 -35.19
N SER D 147 6.52 -20.13 -35.48
CA SER D 147 6.43 -21.15 -34.45
C SER D 147 7.81 -21.71 -34.13
N GLN D 148 7.91 -22.36 -32.97
CA GLN D 148 9.14 -23.01 -32.55
C GLN D 148 9.41 -24.23 -33.44
N SER D 149 10.59 -24.81 -33.25
CA SER D 149 11.05 -25.91 -34.08
C SER D 149 10.65 -27.25 -33.47
N LYS D 150 10.39 -28.23 -34.33
CA LYS D 150 10.15 -29.60 -33.90
C LYS D 150 11.46 -30.27 -33.51
N ASP D 151 12.44 -30.21 -34.40
CA ASP D 151 13.75 -30.77 -34.11
C ASP D 151 14.46 -29.91 -33.05
N SER D 152 14.81 -30.53 -31.93
CA SER D 152 15.50 -29.80 -30.87
C SER D 152 16.91 -29.40 -31.28
N ASP D 153 17.50 -30.09 -32.26
CA ASP D 153 18.78 -29.65 -32.81
C ASP D 153 18.64 -28.41 -33.68
N VAL D 154 17.42 -28.03 -34.03
CA VAL D 154 17.15 -26.81 -34.79
C VAL D 154 16.53 -25.79 -33.84
N TYR D 155 17.08 -24.58 -33.85
CA TYR D 155 16.62 -23.51 -32.98
C TYR D 155 16.03 -22.39 -33.82
N ILE D 156 14.83 -21.96 -33.47
CA ILE D 156 14.12 -20.90 -34.18
C ILE D 156 13.72 -19.83 -33.16
N THR D 157 14.16 -18.60 -33.38
CA THR D 157 13.79 -17.50 -32.51
C THR D 157 12.39 -16.99 -32.86
N ASP D 158 11.91 -16.01 -32.09
CA ASP D 158 10.59 -15.45 -32.31
C ASP D 158 10.69 -14.20 -33.19
N LYS D 159 9.55 -13.58 -33.45
CA LYS D 159 9.51 -12.38 -34.27
C LYS D 159 10.24 -11.23 -33.60
N CYS D 160 10.95 -10.44 -34.40
CA CYS D 160 11.69 -9.29 -33.89
C CYS D 160 11.48 -8.13 -34.86
N VAL D 161 11.14 -6.96 -34.33
CA VAL D 161 10.81 -5.78 -35.13
C VAL D 161 11.94 -4.78 -34.97
N LEU D 162 12.71 -4.57 -36.03
CA LEU D 162 13.73 -3.55 -36.06
C LEU D 162 13.21 -2.32 -36.80
N ASP D 163 13.70 -1.15 -36.40
CA ASP D 163 13.26 0.13 -36.96
C ASP D 163 14.46 0.87 -37.51
N MET D 164 14.55 0.96 -38.84
CA MET D 164 15.59 1.74 -39.49
C MET D 164 15.11 3.18 -39.57
N ARG D 165 15.43 3.95 -38.53
CA ARG D 165 14.99 5.35 -38.45
C ARG D 165 15.56 6.20 -39.57
N SER D 166 16.65 5.78 -40.20
CA SER D 166 17.23 6.54 -41.29
C SER D 166 16.34 6.55 -42.53
N MET D 167 15.37 5.65 -42.61
CA MET D 167 14.48 5.55 -43.76
C MET D 167 13.02 5.36 -43.36
N ASP D 168 12.71 5.38 -42.07
CA ASP D 168 11.35 5.12 -41.58
C ASP D 168 10.85 3.77 -42.09
N PHE D 169 11.69 2.75 -41.93
CA PHE D 169 11.42 1.41 -42.43
C PHE D 169 11.44 0.43 -41.27
N LYS D 170 10.35 -0.31 -41.11
CA LYS D 170 10.24 -1.34 -40.08
C LYS D 170 10.07 -2.70 -40.76
N SER D 171 10.61 -3.74 -40.11
CA SER D 171 10.54 -5.07 -40.69
C SER D 171 10.66 -6.11 -39.59
N ASN D 172 9.83 -7.14 -39.67
CA ASN D 172 9.93 -8.27 -38.76
C ASN D 172 11.01 -9.24 -39.25
N SER D 173 11.56 -10.01 -38.31
CA SER D 173 12.63 -10.92 -38.67
C SER D 173 12.73 -12.03 -37.63
N ALA D 174 13.04 -13.24 -38.09
CA ALA D 174 13.30 -14.39 -37.24
C ALA D 174 14.52 -15.12 -37.76
N VAL D 175 15.23 -15.79 -36.86
CA VAL D 175 16.48 -16.47 -37.18
C VAL D 175 16.35 -17.94 -36.83
N ALA D 176 17.00 -18.78 -37.65
CA ALA D 176 17.07 -20.22 -37.41
C ALA D 176 18.48 -20.71 -37.70
N TRP D 177 18.94 -21.66 -36.90
CA TRP D 177 20.27 -22.22 -37.07
C TRP D 177 20.31 -23.61 -36.46
N SER D 178 21.27 -24.42 -36.92
CA SER D 178 21.47 -25.75 -36.38
C SER D 178 22.88 -26.22 -36.73
N ASN D 179 23.37 -27.19 -35.96
CA ASN D 179 24.68 -27.76 -36.23
C ASN D 179 24.63 -28.84 -37.31
N LYS D 180 23.49 -29.52 -37.44
CA LYS D 180 23.32 -30.51 -38.49
C LYS D 180 23.46 -29.86 -39.86
N SER D 181 24.55 -30.18 -40.58
CA SER D 181 24.87 -29.51 -41.82
C SER D 181 23.83 -29.73 -42.91
N ASP D 182 22.90 -30.67 -42.72
CA ASP D 182 21.76 -30.86 -43.62
C ASP D 182 20.68 -29.79 -43.44
N PHE D 183 21.02 -28.63 -42.88
CA PHE D 183 20.04 -27.59 -42.59
C PHE D 183 19.90 -26.70 -43.81
N ALA D 184 18.91 -27.01 -44.64
CA ALA D 184 18.56 -26.14 -45.76
C ALA D 184 17.61 -25.05 -45.27
N CYS D 185 17.90 -23.80 -45.65
CA CYS D 185 17.04 -22.70 -45.22
C CYS D 185 15.69 -22.70 -45.90
N ALA D 186 15.49 -23.54 -46.92
CA ALA D 186 14.17 -23.67 -47.52
C ALA D 186 13.21 -24.40 -46.59
N ASN D 187 13.65 -25.51 -46.01
CA ASN D 187 12.88 -26.26 -45.03
C ASN D 187 13.29 -25.94 -43.60
N ALA D 188 13.49 -24.65 -43.30
CA ALA D 188 13.86 -24.22 -41.96
C ALA D 188 12.62 -23.84 -41.16
N PHE D 189 11.98 -22.74 -41.54
CA PHE D 189 10.71 -22.31 -40.96
C PHE D 189 9.51 -22.97 -41.61
N ASN D 190 9.64 -24.24 -42.01
CA ASN D 190 8.61 -24.94 -42.77
C ASN D 190 7.30 -25.10 -42.01
N ASN D 191 7.30 -24.76 -40.71
CA ASN D 191 6.07 -24.69 -39.94
C ASN D 191 5.36 -23.35 -40.09
N SER D 192 5.87 -22.48 -40.95
CA SER D 192 5.28 -21.17 -41.23
C SER D 192 4.84 -21.15 -42.68
N ILE D 193 3.55 -21.36 -42.92
CA ILE D 193 2.98 -21.38 -44.25
C ILE D 193 2.32 -20.04 -44.51
N ILE D 194 2.54 -19.48 -45.71
CA ILE D 194 1.86 -18.25 -46.12
C ILE D 194 0.37 -18.51 -46.11
N PRO D 195 -0.40 -17.91 -45.18
CA PRO D 195 -1.83 -18.21 -45.00
C PRO D 195 -2.65 -17.95 -46.25
N GLY E 1 15.18 8.39 -9.19
CA GLY E 1 14.78 7.02 -9.44
C GLY E 1 15.31 6.05 -8.41
N VAL E 2 14.66 4.89 -8.31
CA VAL E 2 15.06 3.86 -7.36
C VAL E 2 16.28 3.13 -7.90
N THR E 3 17.28 2.95 -7.04
CA THR E 3 18.52 2.27 -7.40
C THR E 3 18.64 0.98 -6.59
N GLN E 4 19.10 -0.08 -7.25
CA GLN E 4 19.25 -1.38 -6.62
C GLN E 4 20.63 -1.95 -6.94
N THR E 5 21.30 -2.46 -5.92
CA THR E 5 22.61 -3.08 -6.05
C THR E 5 22.64 -4.35 -5.20
N PRO E 6 23.30 -5.42 -5.67
CA PRO E 6 23.95 -5.51 -6.98
C PRO E 6 22.95 -5.69 -8.12
N ARG E 7 23.42 -5.61 -9.36
CA ARG E 7 22.55 -5.80 -10.52
C ARG E 7 22.42 -7.26 -10.92
N TYR E 8 23.50 -8.04 -10.79
CA TYR E 8 23.49 -9.46 -11.07
C TYR E 8 24.27 -10.19 -10.00
N LEU E 9 23.80 -11.38 -9.62
CA LEU E 9 24.45 -12.17 -8.59
C LEU E 9 24.37 -13.65 -8.94
N ILE E 10 25.43 -14.39 -8.61
CA ILE E 10 25.49 -15.83 -8.78
C ILE E 10 25.89 -16.44 -7.44
N LYS E 11 25.01 -17.26 -6.86
CA LYS E 11 25.26 -17.91 -5.59
C LYS E 11 24.93 -19.39 -5.72
N THR E 12 25.45 -20.17 -4.78
CA THR E 12 25.19 -21.60 -4.70
C THR E 12 24.23 -21.89 -3.55
N ARG E 13 23.74 -23.13 -3.53
CA ARG E 13 22.79 -23.53 -2.49
C ARG E 13 23.44 -23.46 -1.12
N GLY E 14 22.70 -22.91 -0.15
CA GLY E 14 23.15 -22.78 1.21
C GLY E 14 23.72 -21.43 1.58
N GLN E 15 24.16 -20.64 0.59
CA GLN E 15 24.72 -19.34 0.87
C GLN E 15 23.61 -18.33 1.18
N GLN E 16 24.03 -17.12 1.55
CA GLN E 16 23.12 -16.01 1.80
C GLN E 16 23.45 -14.86 0.85
N VAL E 17 22.47 -14.00 0.64
CA VAL E 17 22.59 -12.89 -0.30
C VAL E 17 21.93 -11.66 0.29
N THR E 18 22.64 -10.53 0.25
CA THR E 18 22.12 -9.24 0.70
C THR E 18 21.89 -8.36 -0.51
N LEU E 19 20.70 -7.77 -0.60
CA LEU E 19 20.31 -6.93 -1.72
C LEU E 19 20.03 -5.52 -1.20
N SER E 20 20.74 -4.54 -1.75
CA SER E 20 20.59 -3.15 -1.33
C SER E 20 19.60 -2.43 -2.23
N CYS E 21 19.03 -1.35 -1.70
CA CYS E 21 18.09 -0.53 -2.46
C CYS E 21 18.13 0.90 -1.90
N SER E 22 18.49 1.85 -2.75
CA SER E 22 18.39 3.26 -2.40
C SER E 22 17.10 3.82 -2.98
N PRO E 23 16.18 4.30 -2.15
CA PRO E 23 14.89 4.79 -2.66
C PRO E 23 15.05 6.17 -3.28
N ILE E 24 13.94 6.65 -3.86
CA ILE E 24 13.91 8.00 -4.40
C ILE E 24 14.13 9.01 -3.29
N SER E 25 14.90 10.05 -3.58
CA SER E 25 15.21 11.07 -2.58
C SER E 25 13.93 11.67 -2.02
N GLY E 26 13.78 11.60 -0.70
CA GLY E 26 12.60 12.06 -0.01
C GLY E 26 11.63 10.94 0.36
N HIS E 27 11.64 9.85 -0.39
CA HIS E 27 10.75 8.73 -0.08
C HIS E 27 11.21 8.02 1.17
N ARG E 28 10.24 7.54 1.96
CA ARG E 28 10.52 6.88 3.23
C ARG E 28 9.92 5.48 3.34
N SER E 29 9.07 5.08 2.39
CA SER E 29 8.47 3.76 2.38
C SER E 29 9.09 2.94 1.26
N VAL E 30 9.49 1.71 1.60
CA VAL E 30 10.16 0.82 0.66
C VAL E 30 9.49 -0.54 0.70
N SER E 31 9.20 -1.09 -0.47
CA SER E 31 8.59 -2.41 -0.60
C SER E 31 9.47 -3.30 -1.48
N TRP E 32 9.53 -4.58 -1.13
CA TRP E 32 10.32 -5.56 -1.85
C TRP E 32 9.41 -6.58 -2.51
N TYR E 33 9.71 -6.90 -3.78
CA TYR E 33 8.96 -7.88 -4.54
C TYR E 33 9.92 -8.89 -5.15
N GLN E 34 9.42 -10.10 -5.39
CA GLN E 34 10.16 -11.16 -6.06
C GLN E 34 9.40 -11.56 -7.32
N GLN E 35 10.07 -11.51 -8.47
CA GLN E 35 9.47 -11.86 -9.75
C GLN E 35 10.09 -13.15 -10.27
N THR E 36 9.29 -14.20 -10.38
CA THR E 36 9.66 -15.46 -10.99
C THR E 36 8.81 -15.70 -12.24
N PRO E 37 9.32 -16.44 -13.22
CA PRO E 37 8.47 -16.84 -14.34
C PRO E 37 7.31 -17.73 -13.91
N GLY E 38 7.47 -18.48 -12.82
CA GLY E 38 6.43 -19.38 -12.36
C GLY E 38 5.31 -18.70 -11.61
N GLN E 39 5.58 -18.21 -10.41
CA GLN E 39 4.55 -17.59 -9.57
C GLN E 39 4.35 -16.12 -9.89
N GLY E 40 5.05 -15.57 -10.88
CA GLY E 40 4.86 -14.19 -11.25
C GLY E 40 5.54 -13.21 -10.31
N LEU E 41 4.90 -12.08 -10.04
CA LEU E 41 5.45 -11.03 -9.20
C LEU E 41 4.78 -11.10 -7.83
N GLN E 42 5.53 -11.54 -6.83
CA GLN E 42 5.02 -11.75 -5.48
C GLN E 42 5.58 -10.71 -4.52
N PHE E 43 4.77 -10.34 -3.54
CA PHE E 43 5.15 -9.35 -2.54
C PHE E 43 5.90 -10.00 -1.39
N LEU E 44 6.95 -9.33 -0.93
CA LEU E 44 7.77 -9.84 0.16
C LEU E 44 7.46 -9.11 1.47
N PHE E 45 7.92 -7.87 1.58
CA PHE E 45 7.71 -7.09 2.80
C PHE E 45 7.80 -5.61 2.45
N GLU E 46 7.32 -4.79 3.39
CA GLU E 46 7.33 -3.34 3.25
C GLU E 46 7.90 -2.72 4.51
N TYR E 47 8.67 -1.65 4.35
CA TYR E 47 9.37 -1.02 5.46
C TYR E 47 9.12 0.48 5.48
N PHE E 48 8.90 1.01 6.68
CA PHE E 48 8.73 2.44 6.88
C PHE E 48 9.14 2.77 8.32
N SER E 49 9.94 3.82 8.47
CA SER E 49 10.46 4.24 9.78
C SER E 49 11.25 3.11 10.44
N GLU E 50 12.14 2.49 9.67
CA GLU E 50 13.08 1.45 10.07
C GLU E 50 12.42 0.17 10.56
N THR E 51 11.11 0.02 10.44
CA THR E 51 10.41 -1.17 10.89
C THR E 51 9.59 -1.78 9.75
N GLN E 52 9.43 -3.10 9.79
CA GLN E 52 8.66 -3.79 8.78
C GLN E 52 7.16 -3.60 9.03
N ARG E 53 6.43 -3.34 7.94
CA ARG E 53 4.99 -3.20 8.02
C ARG E 53 4.29 -4.44 7.47
N ASN E 54 3.63 -4.31 6.33
CA ASN E 54 2.99 -5.46 5.71
C ASN E 54 4.03 -6.46 5.25
N LYS E 55 3.70 -7.75 5.40
CA LYS E 55 4.61 -8.84 5.08
C LYS E 55 3.90 -9.86 4.20
N GLY E 56 4.64 -10.39 3.22
CA GLY E 56 4.12 -11.42 2.35
C GLY E 56 4.16 -12.80 3.01
N ASN E 57 3.88 -13.81 2.19
CA ASN E 57 3.84 -15.19 2.67
C ASN E 57 5.14 -15.93 2.36
N PHE E 58 6.26 -15.31 2.68
CA PHE E 58 7.56 -15.92 2.45
C PHE E 58 8.15 -16.42 3.77
N PRO E 59 8.97 -17.47 3.71
CA PRO E 59 9.57 -18.00 4.95
C PRO E 59 10.47 -16.99 5.62
N GLY E 60 10.87 -17.31 6.85
CA GLY E 60 11.76 -16.44 7.61
C GLY E 60 13.12 -16.25 6.98
N ARG E 61 13.49 -17.11 6.02
CA ARG E 61 14.74 -16.92 5.30
C ARG E 61 14.79 -15.58 4.60
N PHE E 62 13.65 -15.09 4.12
CA PHE E 62 13.56 -13.79 3.45
C PHE E 62 13.31 -12.72 4.51
N SER E 63 14.37 -12.01 4.89
CA SER E 63 14.29 -10.94 5.88
C SER E 63 14.69 -9.62 5.21
N GLY E 64 14.64 -8.55 6.00
CA GLY E 64 14.99 -7.23 5.49
C GLY E 64 15.16 -6.25 6.61
N ARG E 65 15.83 -5.14 6.27
CA ARG E 65 16.06 -4.05 7.20
C ARG E 65 15.86 -2.72 6.48
N GLN E 66 15.60 -1.67 7.26
CA GLN E 66 15.51 -0.33 6.72
C GLN E 66 16.29 0.63 7.61
N PHE E 67 17.14 1.45 7.01
CA PHE E 67 18.01 2.32 7.76
C PHE E 67 17.38 3.71 7.91
N SER E 68 18.10 4.62 8.58
CA SER E 68 17.55 5.95 8.84
C SER E 68 17.40 6.75 7.56
N ASN E 69 18.26 6.52 6.57
CA ASN E 69 18.21 7.27 5.31
C ASN E 69 17.15 6.66 4.39
N SER E 70 16.23 5.89 4.96
CA SER E 70 15.15 5.22 4.25
C SER E 70 15.65 4.14 3.30
N ARG E 71 16.96 3.90 3.26
CA ARG E 71 17.49 2.79 2.48
C ARG E 71 17.09 1.45 3.10
N SER E 72 16.92 0.47 2.24
CA SER E 72 16.53 -0.86 2.66
C SER E 72 17.54 -1.89 2.18
N GLU E 73 17.63 -3.01 2.91
CA GLU E 73 18.50 -4.11 2.56
C GLU E 73 17.75 -5.41 2.78
N MET E 74 17.47 -6.12 1.69
CA MET E 74 16.84 -7.44 1.77
C MET E 74 17.90 -8.52 1.91
N ASN E 75 17.57 -9.57 2.67
CA ASN E 75 18.48 -10.68 2.88
C ASN E 75 17.73 -12.00 2.73
N VAL E 76 18.38 -12.98 2.11
CA VAL E 76 17.85 -14.33 1.96
C VAL E 76 18.87 -15.30 2.52
N SER E 77 18.41 -16.24 3.35
CA SER E 77 19.27 -17.23 3.97
C SER E 77 18.94 -18.62 3.45
N THR E 78 19.95 -19.48 3.45
CA THR E 78 19.84 -20.86 2.96
C THR E 78 19.19 -20.89 1.57
N LEU E 79 19.96 -20.40 0.61
CA LEU E 79 19.45 -20.22 -0.74
C LEU E 79 19.12 -21.57 -1.37
N GLU E 80 17.94 -21.64 -1.98
CA GLU E 80 17.50 -22.81 -2.74
C GLU E 80 17.50 -22.47 -4.22
N LEU E 81 17.40 -23.52 -5.04
CA LEU E 81 17.37 -23.32 -6.49
C LEU E 81 16.14 -22.53 -6.92
N GLY E 82 15.03 -22.69 -6.20
CA GLY E 82 13.82 -21.93 -6.50
C GLY E 82 13.88 -20.47 -6.11
N ASP E 83 14.91 -20.07 -5.37
CA ASP E 83 15.06 -18.68 -4.97
C ASP E 83 15.64 -17.80 -6.07
N SER E 84 16.19 -18.38 -7.13
CA SER E 84 16.72 -17.61 -8.24
C SER E 84 15.60 -16.85 -8.92
N ALA E 85 15.67 -15.52 -8.91
CA ALA E 85 14.61 -14.68 -9.43
C ALA E 85 15.14 -13.26 -9.59
N LEU E 86 14.29 -12.39 -10.11
CA LEU E 86 14.54 -10.95 -10.14
C LEU E 86 13.87 -10.33 -8.93
N TYR E 87 14.66 -9.71 -8.05
CA TYR E 87 14.17 -9.12 -6.81
C TYR E 87 14.06 -7.62 -7.00
N LEU E 88 12.85 -7.13 -7.10
CA LEU E 88 12.58 -5.72 -7.38
C LEU E 88 12.30 -4.95 -6.10
N CYS E 89 12.74 -3.71 -6.05
CA CYS E 89 12.51 -2.81 -4.94
C CYS E 89 11.70 -1.62 -5.41
N ALA E 90 10.70 -1.24 -4.63
CA ALA E 90 9.86 -0.10 -4.94
C ALA E 90 9.86 0.87 -3.76
N SER E 91 9.71 2.15 -4.07
CA SER E 91 9.70 3.19 -3.05
C SER E 91 8.51 4.11 -3.26
N SER E 92 8.00 4.64 -2.15
CA SER E 92 6.95 5.64 -2.17
C SER E 92 7.27 6.70 -1.12
N LEU E 93 6.75 7.91 -1.34
CA LEU E 93 6.99 9.01 -0.40
C LEU E 93 6.58 8.63 1.01
N ARG E 94 5.48 7.90 1.15
CA ARG E 94 5.03 7.39 2.43
C ARG E 94 4.22 6.12 2.17
N ARG E 95 4.02 5.33 3.23
CA ARG E 95 3.24 4.12 3.11
C ARG E 95 1.80 4.44 2.74
N GLY E 96 1.39 4.06 1.55
CA GLY E 96 0.07 4.36 1.03
C GLY E 96 0.05 5.22 -0.22
N ASP E 97 1.20 5.73 -0.66
CA ASP E 97 1.29 6.51 -1.88
C ASP E 97 1.72 5.62 -3.04
N THR E 98 1.86 6.23 -4.21
CA THR E 98 2.23 5.51 -5.41
C THR E 98 3.65 4.98 -5.29
N ILE E 99 3.82 3.66 -5.43
CA ILE E 99 5.13 3.05 -5.36
C ILE E 99 5.78 3.08 -6.74
N TYR E 100 7.09 3.29 -6.77
CA TYR E 100 7.87 3.36 -8.00
C TYR E 100 8.99 2.34 -7.91
N PHE E 101 9.04 1.43 -8.88
CA PHE E 101 9.99 0.33 -8.84
C PHE E 101 11.35 0.74 -9.39
N GLY E 102 12.37 0.03 -8.95
CA GLY E 102 13.70 0.13 -9.53
C GLY E 102 13.87 -0.85 -10.68
N GLU E 103 15.13 -1.17 -10.98
CA GLU E 103 15.41 -2.13 -12.03
C GLU E 103 15.56 -3.55 -11.52
N GLY E 104 15.85 -3.74 -10.23
CA GLY E 104 15.88 -5.05 -9.63
C GLY E 104 17.28 -5.64 -9.58
N SER E 105 17.39 -6.73 -8.83
CA SER E 105 18.62 -7.50 -8.70
C SER E 105 18.37 -8.91 -9.21
N TRP E 106 19.10 -9.32 -10.24
CA TRP E 106 18.95 -10.65 -10.80
C TRP E 106 19.78 -11.64 -9.98
N LEU E 107 19.09 -12.56 -9.31
CA LEU E 107 19.73 -13.61 -8.53
C LEU E 107 19.58 -14.94 -9.25
N THR E 108 20.68 -15.68 -9.37
CA THR E 108 20.66 -17.01 -9.99
C THR E 108 21.38 -17.96 -9.05
N VAL E 109 20.62 -18.87 -8.44
CA VAL E 109 21.17 -19.88 -7.55
C VAL E 109 21.52 -21.10 -8.38
N VAL E 110 22.78 -21.51 -8.35
CA VAL E 110 23.27 -22.63 -9.14
C VAL E 110 23.61 -23.78 -8.21
N GLU E 111 23.59 -24.99 -8.78
CA GLU E 111 23.98 -26.18 -8.01
C GLU E 111 25.47 -26.15 -7.70
N ASP E 112 26.29 -25.83 -8.68
CA ASP E 112 27.71 -25.60 -8.48
C ASP E 112 28.17 -24.53 -9.46
N LEU E 113 29.36 -23.97 -9.19
CA LEU E 113 29.87 -22.91 -10.05
C LEU E 113 30.28 -23.43 -11.42
N ASN E 114 30.47 -24.74 -11.58
CA ASN E 114 30.87 -25.31 -12.86
C ASN E 114 29.81 -25.14 -13.94
N LYS E 115 28.59 -24.75 -13.57
CA LYS E 115 27.51 -24.57 -14.54
C LYS E 115 27.48 -23.17 -15.13
N VAL E 116 28.43 -22.31 -14.78
CA VAL E 116 28.50 -20.96 -15.32
C VAL E 116 29.42 -20.99 -16.53
N PHE E 117 28.91 -20.53 -17.68
CA PHE E 117 29.67 -20.52 -18.92
C PHE E 117 29.59 -19.16 -19.59
N PRO E 118 30.70 -18.66 -20.13
CA PRO E 118 30.65 -17.42 -20.90
C PRO E 118 30.07 -17.66 -22.27
N PRO E 119 29.52 -16.63 -22.92
CA PRO E 119 28.96 -16.82 -24.26
C PRO E 119 30.02 -16.79 -25.34
N GLU E 120 29.77 -17.56 -26.39
CA GLU E 120 30.51 -17.45 -27.64
C GLU E 120 29.70 -16.62 -28.61
N VAL E 121 30.34 -15.62 -29.21
CA VAL E 121 29.65 -14.65 -30.06
C VAL E 121 30.10 -14.86 -31.50
N ALA E 122 29.14 -14.83 -32.41
CA ALA E 122 29.40 -15.00 -33.83
C ALA E 122 28.60 -13.98 -34.63
N VAL E 123 29.23 -13.45 -35.67
CA VAL E 123 28.59 -12.48 -36.57
C VAL E 123 28.43 -13.13 -37.92
N PHE E 124 27.22 -13.03 -38.48
CA PHE E 124 26.89 -13.62 -39.77
C PHE E 124 26.63 -12.51 -40.78
N GLU E 125 27.44 -12.49 -41.85
CA GLU E 125 27.36 -11.41 -42.82
C GLU E 125 26.09 -11.53 -43.67
N PRO E 126 25.55 -10.41 -44.15
CA PRO E 126 24.32 -10.46 -44.93
C PRO E 126 24.50 -11.21 -46.24
N SER E 127 23.39 -11.77 -46.72
CA SER E 127 23.39 -12.52 -47.97
C SER E 127 23.29 -11.57 -49.16
N GLU E 128 23.91 -11.99 -50.27
CA GLU E 128 23.84 -11.19 -51.49
C GLU E 128 22.42 -11.16 -52.05
N ALA E 129 21.63 -12.20 -51.78
CA ALA E 129 20.25 -12.22 -52.26
C ALA E 129 19.43 -11.10 -51.61
N GLU E 130 19.60 -10.92 -50.29
CA GLU E 130 18.91 -9.81 -49.63
C GLU E 130 19.43 -8.47 -50.11
N ILE E 131 20.73 -8.38 -50.39
CA ILE E 131 21.33 -7.13 -50.83
C ILE E 131 20.80 -6.75 -52.21
N SER E 132 20.63 -7.72 -53.10
CA SER E 132 20.19 -7.42 -54.46
C SER E 132 18.68 -7.27 -54.57
N HIS E 133 17.93 -7.91 -53.68
CA HIS E 133 16.47 -7.90 -53.77
C HIS E 133 15.83 -6.74 -53.02
N THR E 134 16.44 -6.29 -51.93
CA THR E 134 15.86 -5.24 -51.09
C THR E 134 16.75 -4.02 -50.91
N GLN E 135 17.97 -4.04 -51.45
CA GLN E 135 18.95 -2.97 -51.25
C GLN E 135 19.24 -2.74 -49.78
N LYS E 136 19.04 -3.77 -48.96
CA LYS E 136 19.33 -3.72 -47.54
C LYS E 136 20.15 -4.94 -47.15
N ALA E 137 20.96 -4.79 -46.10
CA ALA E 137 21.88 -5.83 -45.66
C ALA E 137 21.66 -6.07 -44.18
N THR E 138 21.26 -7.29 -43.83
CA THR E 138 20.97 -7.67 -42.45
C THR E 138 22.11 -8.51 -41.90
N LEU E 139 22.70 -8.06 -40.80
CA LEU E 139 23.69 -8.84 -40.08
C LEU E 139 23.03 -9.48 -38.87
N VAL E 140 23.40 -10.73 -38.59
CA VAL E 140 22.84 -11.49 -37.48
C VAL E 140 23.96 -11.84 -36.51
N CYS E 141 23.74 -11.52 -35.23
CA CYS E 141 24.66 -11.89 -34.18
C CYS E 141 24.10 -13.07 -33.40
N LEU E 142 25.01 -13.94 -32.94
CA LEU E 142 24.61 -15.18 -32.27
C LEU E 142 25.48 -15.38 -31.05
N ALA E 143 24.89 -15.21 -29.86
CA ALA E 143 25.54 -15.49 -28.60
C ALA E 143 25.00 -16.81 -28.06
N THR E 144 25.87 -17.81 -27.93
CA THR E 144 25.44 -19.16 -27.61
C THR E 144 26.22 -19.70 -26.41
N GLY E 145 25.62 -20.67 -25.75
CA GLY E 145 26.28 -21.43 -24.69
C GLY E 145 26.69 -20.64 -23.47
N PHE E 146 25.82 -19.76 -22.98
CA PHE E 146 26.11 -18.97 -21.78
C PHE E 146 25.09 -19.29 -20.69
N PHE E 147 25.54 -19.20 -19.44
CA PHE E 147 24.71 -19.39 -18.28
C PHE E 147 25.35 -18.64 -17.12
N PRO E 148 24.58 -17.90 -16.32
CA PRO E 148 23.12 -17.72 -16.44
C PRO E 148 22.72 -16.68 -17.48
N ASP E 149 21.48 -16.22 -17.41
CA ASP E 149 20.95 -15.23 -18.35
C ASP E 149 21.22 -13.82 -17.84
N HIS E 150 22.50 -13.54 -17.59
CA HIS E 150 22.97 -12.23 -17.19
C HIS E 150 23.86 -11.67 -18.29
N VAL E 151 23.22 -11.30 -19.40
CA VAL E 151 23.91 -10.94 -20.63
C VAL E 151 23.32 -9.64 -21.18
N GLU E 152 24.18 -8.81 -21.77
CA GLU E 152 23.77 -7.56 -22.42
C GLU E 152 24.43 -7.50 -23.79
N LEU E 153 23.62 -7.58 -24.84
CA LEU E 153 24.10 -7.56 -26.21
C LEU E 153 23.96 -6.16 -26.78
N SER E 154 24.95 -5.75 -27.59
CA SER E 154 24.94 -4.42 -28.19
C SER E 154 25.68 -4.49 -29.52
N TRP E 155 25.26 -3.63 -30.45
CA TRP E 155 25.90 -3.50 -31.75
C TRP E 155 26.74 -2.24 -31.79
N TRP E 156 27.96 -2.35 -32.31
CA TRP E 156 28.88 -1.23 -32.41
C TRP E 156 29.39 -1.14 -33.84
N VAL E 157 29.15 0.00 -34.49
CA VAL E 157 29.55 0.24 -35.86
C VAL E 157 30.56 1.39 -35.87
N ASN E 158 31.76 1.11 -36.37
CA ASN E 158 32.83 2.10 -36.48
C ASN E 158 33.17 2.75 -35.14
N GLY E 159 32.98 2.01 -34.05
CA GLY E 159 33.34 2.47 -32.72
C GLY E 159 32.20 3.04 -31.91
N LYS E 160 31.06 3.33 -32.53
CA LYS E 160 29.91 3.90 -31.83
C LYS E 160 28.78 2.89 -31.76
N GLU E 161 28.13 2.82 -30.60
CA GLU E 161 27.00 1.92 -30.43
C GLU E 161 25.79 2.44 -31.19
N VAL E 162 25.10 1.54 -31.88
CA VAL E 162 23.95 1.90 -32.70
C VAL E 162 22.69 1.29 -32.10
N HIS E 163 21.56 1.92 -32.38
CA HIS E 163 20.26 1.42 -31.96
C HIS E 163 19.23 1.41 -33.09
N SER E 164 19.45 2.14 -34.17
CA SER E 164 18.53 2.12 -35.30
C SER E 164 18.74 0.85 -36.12
N GLY E 165 17.66 0.16 -36.44
CA GLY E 165 17.76 -1.07 -37.19
C GLY E 165 18.32 -2.24 -36.43
N VAL E 166 18.33 -2.17 -35.09
CA VAL E 166 18.83 -3.24 -34.23
C VAL E 166 17.64 -3.91 -33.57
N CYS E 167 17.63 -5.25 -33.60
CA CYS E 167 16.58 -6.01 -32.93
C CYS E 167 17.22 -7.23 -32.29
N THR E 168 17.16 -7.30 -30.96
CA THR E 168 17.64 -8.44 -30.20
C THR E 168 16.45 -9.19 -29.60
N ASP E 169 16.58 -10.51 -29.52
CA ASP E 169 15.51 -11.34 -28.99
C ASP E 169 15.18 -10.90 -27.56
N PRO E 170 13.90 -10.72 -27.23
CA PRO E 170 13.56 -10.33 -25.84
C PRO E 170 13.86 -11.42 -24.83
N GLN E 171 13.77 -12.70 -25.22
CA GLN E 171 14.05 -13.81 -24.33
C GLN E 171 14.99 -14.79 -25.01
N PRO E 172 16.01 -15.28 -24.30
CA PRO E 172 16.94 -16.23 -24.90
C PRO E 172 16.28 -17.58 -25.14
N LEU E 173 17.03 -18.46 -25.81
CA LEU E 173 16.58 -19.81 -26.12
C LEU E 173 17.49 -20.80 -25.42
N LYS E 174 16.89 -21.74 -24.69
CA LYS E 174 17.67 -22.79 -24.03
C LYS E 174 18.16 -23.80 -25.07
N GLU E 175 19.45 -24.11 -25.00
CA GLU E 175 20.02 -25.09 -25.94
C GLU E 175 19.52 -26.50 -25.64
N GLN E 176 19.24 -26.80 -24.38
CA GLN E 176 18.67 -28.08 -23.97
C GLN E 176 17.48 -27.80 -23.07
N PRO E 177 16.28 -27.68 -23.65
CA PRO E 177 15.12 -27.25 -22.86
C PRO E 177 14.75 -28.19 -21.72
N ALA E 178 15.31 -29.41 -21.69
CA ALA E 178 14.98 -30.34 -20.62
C ALA E 178 15.81 -30.09 -19.36
N LEU E 179 17.06 -29.67 -19.52
CA LEU E 179 17.93 -29.47 -18.36
C LEU E 179 17.53 -28.21 -17.59
N ASN E 180 17.72 -28.26 -16.28
CA ASN E 180 17.36 -27.13 -15.43
C ASN E 180 18.33 -25.96 -15.64
N ASP E 181 19.62 -26.21 -15.48
CA ASP E 181 20.64 -25.18 -15.70
C ASP E 181 21.19 -25.25 -17.13
N SER E 182 20.27 -25.24 -18.10
CA SER E 182 20.66 -25.30 -19.50
C SER E 182 21.29 -23.99 -19.95
N ARG E 183 22.30 -24.09 -20.81
CA ARG E 183 22.89 -22.90 -21.40
C ARG E 183 21.94 -22.26 -22.39
N TYR E 184 22.08 -20.95 -22.57
CA TYR E 184 21.15 -20.16 -23.38
C TYR E 184 21.78 -19.77 -24.70
N ALA E 185 20.92 -19.29 -25.61
CA ALA E 185 21.33 -18.76 -26.90
C ALA E 185 20.52 -17.51 -27.18
N LEU E 186 21.17 -16.50 -27.78
CA LEU E 186 20.53 -15.23 -28.04
C LEU E 186 20.92 -14.74 -29.43
N SER E 187 19.93 -14.25 -30.18
CA SER E 187 20.15 -13.74 -31.52
C SER E 187 19.81 -12.25 -31.58
N SER E 188 20.51 -11.54 -32.46
CA SER E 188 20.27 -10.12 -32.66
C SER E 188 20.51 -9.80 -34.14
N ARG E 189 19.77 -8.81 -34.63
CA ARG E 189 19.83 -8.43 -36.04
C ARG E 189 20.13 -6.94 -36.16
N LEU E 190 21.07 -6.61 -37.04
CA LEU E 190 21.37 -5.23 -37.41
C LEU E 190 21.21 -5.11 -38.92
N ARG E 191 20.21 -4.36 -39.35
CA ARG E 191 19.93 -4.15 -40.77
C ARG E 191 20.36 -2.75 -41.17
N VAL E 192 21.24 -2.65 -42.16
CA VAL E 192 21.71 -1.39 -42.69
C VAL E 192 21.46 -1.38 -44.20
N SER E 193 21.70 -0.23 -44.81
CA SER E 193 21.57 -0.13 -46.26
C SER E 193 22.66 -0.96 -46.95
N ALA E 194 22.33 -1.44 -48.14
CA ALA E 194 23.28 -2.28 -48.87
C ALA E 194 24.56 -1.53 -49.18
N THR E 195 24.46 -0.23 -49.48
CA THR E 195 25.65 0.56 -49.76
C THR E 195 26.53 0.70 -48.52
N PHE E 196 25.91 0.87 -47.34
CA PHE E 196 26.70 1.01 -46.12
C PHE E 196 27.45 -0.26 -45.81
N TRP E 197 26.87 -1.42 -46.12
CA TRP E 197 27.57 -2.68 -45.91
C TRP E 197 28.68 -2.88 -46.94
N GLN E 198 28.47 -2.40 -48.16
CA GLN E 198 29.46 -2.56 -49.23
C GLN E 198 30.63 -1.61 -49.10
N ASN E 199 30.65 -0.74 -48.09
CA ASN E 199 31.78 0.15 -47.84
C ASN E 199 32.84 -0.60 -47.05
N PRO E 200 34.02 -0.86 -47.63
CA PRO E 200 35.03 -1.66 -46.93
C PRO E 200 35.61 -0.99 -45.70
N ARG E 201 35.33 0.29 -45.47
CA ARG E 201 35.81 0.99 -44.29
C ARG E 201 34.88 0.86 -43.08
N ASN E 202 33.65 0.41 -43.29
CA ASN E 202 32.71 0.25 -42.19
C ASN E 202 33.02 -1.01 -41.42
N HIS E 203 33.15 -0.88 -40.10
CA HIS E 203 33.48 -1.98 -39.20
C HIS E 203 32.28 -2.28 -38.31
N PHE E 204 31.83 -3.53 -38.33
CA PHE E 204 30.66 -3.97 -37.58
C PHE E 204 31.09 -4.96 -36.50
N ARG E 205 30.82 -4.62 -35.25
CA ARG E 205 31.18 -5.47 -34.12
C ARG E 205 29.95 -5.70 -33.24
N CYS E 206 29.71 -6.96 -32.89
CA CYS E 206 28.64 -7.33 -31.96
C CYS E 206 29.27 -7.61 -30.60
N GLN E 207 28.87 -6.81 -29.61
CA GLN E 207 29.42 -6.92 -28.25
C GLN E 207 28.37 -7.51 -27.32
N VAL E 208 28.76 -8.52 -26.55
CA VAL E 208 27.90 -9.17 -25.57
C VAL E 208 28.58 -9.07 -24.21
N GLN E 209 27.96 -8.33 -23.29
CA GLN E 209 28.48 -8.18 -21.94
C GLN E 209 27.91 -9.30 -21.07
N PHE E 210 28.80 -10.11 -20.50
CA PHE E 210 28.43 -11.23 -19.66
C PHE E 210 28.80 -10.94 -18.21
N TYR E 211 27.87 -11.20 -17.30
CA TYR E 211 28.08 -11.03 -15.87
C TYR E 211 28.16 -12.41 -15.22
N GLY E 212 29.34 -12.74 -14.68
CA GLY E 212 29.54 -14.06 -14.10
C GLY E 212 30.13 -14.04 -12.71
N LEU E 213 31.17 -14.84 -12.50
CA LEU E 213 31.78 -14.97 -11.19
C LEU E 213 32.73 -13.80 -10.92
N SER E 214 32.96 -13.54 -9.64
CA SER E 214 33.88 -12.50 -9.19
C SER E 214 35.11 -13.15 -8.58
N GLU E 215 35.94 -12.35 -7.91
CA GLU E 215 37.13 -12.86 -7.25
C GLU E 215 36.81 -13.55 -5.93
N ASN E 216 35.63 -13.30 -5.36
CA ASN E 216 35.24 -13.96 -4.12
C ASN E 216 34.87 -15.42 -4.33
N ASP E 217 34.85 -15.91 -5.57
CA ASP E 217 34.53 -17.30 -5.87
C ASP E 217 35.78 -18.04 -6.30
N GLU E 218 35.89 -19.29 -5.88
CA GLU E 218 37.02 -20.13 -6.26
C GLU E 218 36.65 -20.97 -7.48
N TRP E 219 37.64 -21.20 -8.34
CA TRP E 219 37.44 -21.96 -9.57
C TRP E 219 38.45 -23.11 -9.58
N THR E 220 37.96 -24.31 -9.28
CA THR E 220 38.78 -25.51 -9.25
C THR E 220 38.77 -26.27 -10.57
N GLN E 221 38.18 -25.70 -11.61
CA GLN E 221 38.06 -26.37 -12.90
C GLN E 221 39.27 -26.06 -13.78
N ASP E 222 39.41 -26.85 -14.85
CA ASP E 222 40.52 -26.65 -15.78
C ASP E 222 40.23 -25.56 -16.80
N ARG E 223 38.97 -25.36 -17.15
CA ARG E 223 38.63 -24.33 -18.12
C ARG E 223 38.76 -22.94 -17.49
N ALA E 224 38.78 -21.93 -18.34
CA ALA E 224 38.96 -20.56 -17.87
C ALA E 224 37.81 -20.15 -16.96
N LYS E 225 38.13 -19.41 -15.91
CA LYS E 225 37.14 -18.97 -14.94
C LYS E 225 36.12 -18.07 -15.62
N PRO E 226 34.82 -18.41 -15.57
CA PRO E 226 33.79 -17.62 -16.26
C PRO E 226 33.45 -16.33 -15.51
N VAL E 227 34.42 -15.41 -15.50
CA VAL E 227 34.25 -14.12 -14.81
C VAL E 227 33.45 -13.19 -15.71
N THR E 228 33.09 -12.03 -15.17
CA THR E 228 32.44 -11.00 -15.98
C THR E 228 33.37 -10.55 -17.09
N GLN E 229 32.87 -10.60 -18.33
CA GLN E 229 33.72 -10.34 -19.49
C GLN E 229 32.85 -9.86 -20.64
N ILE E 230 33.51 -9.29 -21.65
CA ILE E 230 32.88 -8.87 -22.88
C ILE E 230 33.42 -9.75 -24.00
N VAL E 231 32.53 -10.55 -24.59
CA VAL E 231 32.88 -11.39 -25.73
C VAL E 231 32.34 -10.71 -26.99
N SER E 232 33.22 -10.46 -27.94
CA SER E 232 32.87 -9.69 -29.14
C SER E 232 33.18 -10.48 -30.40
N ALA E 233 32.40 -10.21 -31.44
CA ALA E 233 32.63 -10.73 -32.77
C ALA E 233 32.47 -9.58 -33.75
N GLU E 234 33.41 -9.45 -34.69
CA GLU E 234 33.46 -8.30 -35.58
C GLU E 234 33.49 -8.75 -37.02
N ALA E 235 33.07 -7.85 -37.91
CA ALA E 235 33.06 -8.10 -39.35
C ALA E 235 33.20 -6.77 -40.08
N TRP E 236 33.99 -6.78 -41.15
CA TRP E 236 34.18 -5.60 -41.98
C TRP E 236 33.28 -5.67 -43.21
N GLY E 237 32.91 -4.50 -43.71
CA GLY E 237 32.14 -4.42 -44.92
C GLY E 237 32.93 -4.88 -46.13
N ARG E 238 32.21 -5.12 -47.23
CA ARG E 238 32.83 -5.62 -48.44
C ARG E 238 31.89 -5.40 -49.62
N ALA E 239 32.47 -4.97 -50.74
CA ALA E 239 31.69 -4.70 -51.94
C ALA E 239 31.51 -5.98 -52.77
C1 NAG F . 2.03 6.47 37.87
C2 NAG F . 2.24 7.97 38.17
C3 NAG F . 3.74 8.28 38.17
C4 NAG F . 4.48 7.34 39.12
C5 NAG F . 4.17 5.89 38.80
C6 NAG F . 4.78 4.91 39.77
C7 NAG F . 1.05 10.02 37.46
C8 NAG F . 1.21 10.52 38.87
N2 NAG F . 1.54 8.80 37.20
O3 NAG F . 4.00 9.63 38.53
O4 NAG F . 5.89 7.55 39.00
O5 NAG F . 2.74 5.68 38.84
O6 NAG F . 3.88 3.86 40.09
O7 NAG F . 0.47 10.68 36.60
#